data_7UFZ
#
_entry.id   7UFZ
#
_cell.length_a   49.889
_cell.length_b   104.604
_cell.length_c   193.095
_cell.angle_alpha   90.000
_cell.angle_beta   90.000
_cell.angle_gamma   90.000
#
_symmetry.space_group_name_H-M   'P 21 21 21'
#
loop_
_entity.id
_entity.type
_entity.pdbx_description
1 polymer 'Tyrosyl-DNA phosphodiesterase 1'
2 non-polymer '(4-{[(4S)-2-phenylimidazo[1,2-a]pyridin-3-yl]amino}phenyl)phosphonic acid'
3 non-polymer 1,2-ETHANEDIOL
4 non-polymer 'DIMETHYL SULFOXIDE'
5 water water
#
_entity_poly.entity_id   1
_entity_poly.type   'polypeptide(L)'
_entity_poly.pdbx_seq_one_letter_code
;SGEGQDIWDMLDKGNPFQFYLTRVSGVKPKYNSGALHIKDILSPLFGTLVSSAQFNYCFDVDWLVKQYPPEFRKKPILLV
HGDKREAKAHLHAQAKPYENISLCQAKLDIAFGTHHTKMMLLLYEEGLRVVIHTSNLIHADWHQKTQGIWLSPLYPRIAD
GTHKSGESPTHFKADLISYLMAYNAPSLKEWIDVIHKHDLSETNVYLIGSTPGRFQGSQKDNWGHFRLKKLLKDHASSMP
NAESWPVVGQFSSVGSLGADESKWLCSEFKESMLTLGKESKTPGKSSVPLYLIYPSVENVRTSLEGYPAGGSLPYSIQTA
EKQNWLHSYFHKWSAETSGRSNAMPHIKTYMRPSPDFSKIAWFLVTSANLSKAAWGALEKNGTQLMIRSYELGVLFLPSA
FGLDSFKVKQKFFAGSQEPMATFPVPYDLPPELYGSKDRPWIWNIPYVKAPDTHGNMWVPS
;
_entity_poly.pdbx_strand_id   A,B
#
loop_
_chem_comp.id
_chem_comp.type
_chem_comp.name
_chem_comp.formula
DMS non-polymer 'DIMETHYL SULFOXIDE' 'C2 H6 O S'
EDO non-polymer 1,2-ETHANEDIOL 'C2 H6 O2'
N7U non-polymer '(4-{[(4S)-2-phenylimidazo[1,2-a]pyridin-3-yl]amino}phenyl)phosphonic acid' 'C19 H16 N3 O3 P'
#
# COMPACT_ATOMS: atom_id res chain seq x y z
N ASN A 15 -21.90 -3.28 9.57
CA ASN A 15 -21.22 -2.11 9.03
C ASN A 15 -19.73 -2.39 8.87
N PRO A 16 -19.10 -1.76 7.88
CA PRO A 16 -17.67 -1.99 7.70
C PRO A 16 -16.81 -1.11 8.56
N PHE A 17 -17.39 -0.10 9.25
CA PHE A 17 -16.51 0.90 9.85
C PHE A 17 -16.04 0.51 11.23
N GLN A 18 -16.89 -0.16 12.02
CA GLN A 18 -16.49 -0.63 13.36
C GLN A 18 -16.06 0.56 14.22
N PHE A 19 -16.80 1.66 14.09
CA PHE A 19 -16.57 2.86 14.86
C PHE A 19 -17.73 2.97 15.85
N TYR A 20 -17.39 2.99 17.12
CA TYR A 20 -18.35 2.99 18.23
C TYR A 20 -18.15 4.17 19.15
N LEU A 21 -19.22 4.55 19.85
CA LEU A 21 -19.11 5.42 21.02
C LEU A 21 -19.15 4.60 22.29
N THR A 22 -18.60 5.16 23.37
CA THR A 22 -18.75 4.53 24.67
C THR A 22 -20.19 4.73 25.20
N ARG A 23 -20.57 3.82 26.09
N ARG A 23 -20.57 3.86 26.12
CA ARG A 23 -21.85 3.96 26.78
CA ARG A 23 -21.88 3.95 26.75
C ARG A 23 -21.90 5.24 27.61
C ARG A 23 -21.95 5.16 27.69
N VAL A 24 -23.08 5.86 27.65
CA VAL A 24 -23.31 7.05 28.48
C VAL A 24 -24.38 6.72 29.50
N SER A 25 -24.03 6.81 30.77
CA SER A 25 -25.01 6.54 31.82
C SER A 25 -26.03 7.66 31.93
N GLY A 26 -27.29 7.29 31.85
CA GLY A 26 -28.39 8.19 32.11
C GLY A 26 -29.22 8.52 30.90
N VAL A 27 -28.68 8.30 29.68
CA VAL A 27 -29.47 8.56 28.46
C VAL A 27 -30.39 7.38 28.19
N LYS A 28 -31.38 7.63 27.33
CA LYS A 28 -32.35 6.57 27.04
C LYS A 28 -31.62 5.38 26.42
N PRO A 29 -32.09 4.16 26.68
CA PRO A 29 -31.37 2.98 26.15
C PRO A 29 -31.16 2.99 24.65
N LYS A 30 -32.07 3.61 23.89
CA LYS A 30 -31.88 3.66 22.44
C LYS A 30 -30.60 4.38 22.03
N TYR A 31 -30.08 5.29 22.85
CA TYR A 31 -28.81 5.97 22.57
C TYR A 31 -27.59 5.20 23.05
N ASN A 32 -27.75 4.04 23.70
CA ASN A 32 -26.64 3.17 24.03
C ASN A 32 -26.69 1.85 23.28
N SER A 33 -27.71 1.66 22.45
CA SER A 33 -27.85 0.45 21.64
C SER A 33 -26.76 0.47 20.58
N GLY A 34 -25.77 -0.38 20.73
CA GLY A 34 -24.62 -0.33 19.84
C GLY A 34 -23.49 0.57 20.30
N ALA A 35 -23.55 1.09 21.51
CA ALA A 35 -22.38 1.68 22.17
C ALA A 35 -21.68 0.59 22.96
N LEU A 36 -20.42 0.84 23.34
CA LEU A 36 -19.63 -0.16 24.04
C LEU A 36 -19.08 0.40 25.33
N HIS A 37 -19.24 -0.34 26.42
CA HIS A 37 -18.49 -0.08 27.63
C HIS A 37 -17.20 -0.90 27.62
N ILE A 38 -16.23 -0.49 28.45
CA ILE A 38 -14.96 -1.22 28.52
C ILE A 38 -15.21 -2.68 28.89
N LYS A 39 -16.19 -2.94 29.76
CA LYS A 39 -16.48 -4.32 30.13
C LYS A 39 -16.96 -5.12 28.93
N ASP A 40 -17.67 -4.48 27.98
CA ASP A 40 -18.03 -5.18 26.75
C ASP A 40 -16.79 -5.53 25.93
N ILE A 41 -15.87 -4.57 25.78
CA ILE A 41 -14.67 -4.82 24.95
C ILE A 41 -13.86 -5.98 25.49
N LEU A 42 -13.74 -6.09 26.81
CA LEU A 42 -12.91 -7.12 27.44
C LEU A 42 -13.65 -8.43 27.70
N SER A 43 -14.93 -8.50 27.33
N SER A 43 -14.95 -8.51 27.38
CA SER A 43 -15.76 -9.63 27.64
CA SER A 43 -15.73 -9.68 27.73
C SER A 43 -15.25 -10.90 26.93
C SER A 43 -15.25 -10.91 26.98
N PRO A 44 -15.52 -12.08 27.50
N PRO A 44 -15.52 -12.10 27.52
CA PRO A 44 -15.11 -13.32 26.83
CA PRO A 44 -15.09 -13.34 26.82
C PRO A 44 -15.73 -13.49 25.46
C PRO A 44 -15.73 -13.49 25.45
N LEU A 45 -16.85 -12.82 25.19
CA LEU A 45 -17.46 -12.89 23.87
C LEU A 45 -16.56 -12.31 22.80
N PHE A 46 -15.68 -11.38 23.17
CA PHE A 46 -14.77 -10.79 22.18
C PHE A 46 -13.53 -11.65 21.94
N GLY A 47 -13.25 -12.61 22.81
CA GLY A 47 -12.08 -13.46 22.67
C GLY A 47 -11.65 -13.96 24.03
N THR A 48 -10.94 -15.10 24.03
CA THR A 48 -10.41 -15.71 25.24
C THR A 48 -9.04 -15.09 25.51
N LEU A 49 -8.98 -14.18 26.47
CA LEU A 49 -7.75 -13.41 26.69
C LEU A 49 -6.59 -14.26 27.20
N VAL A 50 -5.46 -14.10 26.53
N VAL A 50 -5.40 -14.02 26.67
CA VAL A 50 -4.16 -14.63 26.95
CA VAL A 50 -4.19 -14.57 27.26
C VAL A 50 -3.34 -13.55 27.67
C VAL A 50 -3.19 -13.49 27.67
N SER A 51 -3.30 -12.36 27.09
N SER A 51 -3.23 -12.31 27.06
CA SER A 51 -2.56 -11.23 27.66
CA SER A 51 -2.33 -11.23 27.44
C SER A 51 -3.05 -9.97 26.97
C SER A 51 -2.86 -9.95 26.83
N SER A 52 -2.66 -8.83 27.53
CA SER A 52 -3.09 -7.56 26.97
C SER A 52 -2.10 -6.45 27.26
N ALA A 53 -2.13 -5.44 26.39
CA ALA A 53 -1.36 -4.22 26.62
C ALA A 53 -2.34 -3.07 26.60
N GLN A 54 -2.22 -2.20 27.60
CA GLN A 54 -3.08 -1.02 27.72
C GLN A 54 -2.17 0.20 27.60
N PHE A 55 -2.23 0.86 26.42
CA PHE A 55 -1.54 2.11 26.19
C PHE A 55 -2.46 3.23 26.65
N ASN A 56 -1.97 4.14 27.46
CA ASN A 56 -2.85 5.24 27.85
C ASN A 56 -2.05 6.37 28.48
N TYR A 57 -2.79 7.38 28.96
CA TYR A 57 -2.21 8.51 29.69
C TYR A 57 -2.43 8.35 31.20
N CYS A 58 -3.71 8.22 31.62
N CYS A 58 -3.70 8.25 31.62
CA CYS A 58 -4.10 8.14 33.03
CA CYS A 58 -4.09 8.09 33.01
C CYS A 58 -4.73 6.78 33.32
C CYS A 58 -4.61 6.69 33.25
N PHE A 59 -4.36 6.18 34.45
CA PHE A 59 -4.77 4.83 34.83
C PHE A 59 -5.25 4.83 36.27
N ASP A 60 -6.37 4.18 36.51
CA ASP A 60 -6.80 3.79 37.86
C ASP A 60 -6.69 2.27 37.82
N VAL A 61 -5.62 1.73 38.41
CA VAL A 61 -5.33 0.33 38.18
C VAL A 61 -6.38 -0.56 38.86
N ASP A 62 -6.82 -0.21 40.08
CA ASP A 62 -7.81 -1.03 40.75
C ASP A 62 -9.09 -1.10 39.90
N TRP A 63 -9.50 0.05 39.36
CA TRP A 63 -10.68 0.09 38.52
C TRP A 63 -10.44 -0.72 37.24
N LEU A 64 -9.27 -0.57 36.65
CA LEU A 64 -8.97 -1.25 35.39
C LEU A 64 -9.08 -2.76 35.53
N VAL A 65 -8.44 -3.33 36.56
CA VAL A 65 -8.49 -4.79 36.71
C VAL A 65 -9.94 -5.26 36.86
N LYS A 66 -10.77 -4.48 37.55
CA LYS A 66 -12.16 -4.87 37.71
C LYS A 66 -12.96 -4.83 36.41
N GLN A 67 -12.43 -4.19 35.36
CA GLN A 67 -13.14 -4.18 34.09
C GLN A 67 -12.90 -5.45 33.30
N TYR A 68 -11.85 -6.18 33.62
CA TYR A 68 -11.63 -7.47 32.98
C TYR A 68 -12.57 -8.51 33.57
N PRO A 69 -12.97 -9.51 32.79
CA PRO A 69 -13.78 -10.59 33.34
C PRO A 69 -13.03 -11.26 34.48
N PRO A 70 -13.73 -11.66 35.53
CA PRO A 70 -13.04 -12.28 36.69
C PRO A 70 -12.06 -13.37 36.30
N GLU A 71 -12.46 -14.25 35.38
CA GLU A 71 -11.60 -15.34 34.96
C GLU A 71 -10.35 -14.90 34.21
N PHE A 72 -10.28 -13.64 33.75
CA PHE A 72 -9.12 -13.12 33.01
C PHE A 72 -8.26 -12.17 33.85
N ARG A 73 -8.59 -11.95 35.14
CA ARG A 73 -7.92 -10.87 35.86
C ARG A 73 -6.48 -11.17 36.25
N LYS A 74 -6.01 -12.41 36.10
CA LYS A 74 -4.64 -12.77 36.41
C LYS A 74 -3.80 -12.91 35.16
N LYS A 75 -4.39 -12.72 33.98
CA LYS A 75 -3.60 -12.79 32.76
C LYS A 75 -2.65 -11.59 32.74
N PRO A 76 -1.49 -11.74 32.10
CA PRO A 76 -0.54 -10.61 32.05
C PRO A 76 -1.15 -9.36 31.43
N ILE A 77 -0.85 -8.20 32.03
CA ILE A 77 -1.25 -6.87 31.53
C ILE A 77 0.01 -6.01 31.52
N LEU A 78 0.26 -5.34 30.40
CA LEU A 78 1.33 -4.35 30.28
C LEU A 78 0.67 -2.98 30.23
N LEU A 79 1.05 -2.07 31.15
CA LEU A 79 0.61 -0.68 31.10
C LEU A 79 1.70 0.16 30.42
N VAL A 80 1.37 0.79 29.30
CA VAL A 80 2.31 1.64 28.59
C VAL A 80 1.93 3.09 28.87
N HIS A 81 2.81 3.84 29.51
CA HIS A 81 2.49 5.16 30.06
C HIS A 81 3.69 6.06 29.81
N GLY A 82 3.55 7.35 30.16
CA GLY A 82 4.64 8.27 29.99
C GLY A 82 5.11 8.94 31.27
N ASP A 83 4.65 8.43 32.43
CA ASP A 83 4.92 9.13 33.69
C ASP A 83 6.38 9.06 34.14
N LYS A 84 6.85 10.15 34.75
CA LYS A 84 8.19 10.28 35.30
C LYS A 84 8.14 10.62 36.78
N ARG A 85 9.29 10.46 37.45
CA ARG A 85 9.56 11.01 38.80
C ARG A 85 8.46 10.56 39.75
N GLU A 86 7.86 11.45 40.55
CA GLU A 86 6.87 11.01 41.52
C GLU A 86 5.65 10.38 40.86
N ALA A 87 5.25 10.88 39.68
CA ALA A 87 4.10 10.31 39.02
C ALA A 87 4.36 8.85 38.63
N LYS A 88 5.57 8.53 38.17
CA LYS A 88 5.91 7.15 37.86
C LYS A 88 5.86 6.29 39.12
N ALA A 89 6.40 6.81 40.22
CA ALA A 89 6.38 6.06 41.48
C ALA A 89 4.94 5.75 41.89
N HIS A 90 4.02 6.71 41.70
CA HIS A 90 2.63 6.47 42.07
C HIS A 90 2.01 5.38 41.20
N LEU A 91 2.28 5.38 39.89
CA LEU A 91 1.70 4.34 39.05
C LEU A 91 2.25 2.98 39.44
N HIS A 92 3.56 2.90 39.66
CA HIS A 92 4.15 1.64 40.11
C HIS A 92 3.50 1.16 41.40
N ALA A 93 3.18 2.10 42.31
CA ALA A 93 2.58 1.69 43.57
C ALA A 93 1.16 1.19 43.36
N GLN A 94 0.42 1.77 42.40
CA GLN A 94 -0.91 1.27 42.09
C GLN A 94 -0.84 -0.16 41.56
N ALA A 95 0.21 -0.45 40.81
CA ALA A 95 0.32 -1.74 40.12
C ALA A 95 0.95 -2.82 40.99
N LYS A 96 1.74 -2.46 42.01
CA LYS A 96 2.48 -3.46 42.79
C LYS A 96 1.63 -4.58 43.41
N PRO A 97 0.36 -4.36 43.80
CA PRO A 97 -0.42 -5.48 44.36
C PRO A 97 -0.74 -6.57 43.35
N TYR A 98 -0.58 -6.31 42.07
CA TYR A 98 -0.94 -7.21 40.97
C TYR A 98 0.34 -7.66 40.27
N GLU A 99 0.82 -8.86 40.61
CA GLU A 99 2.11 -9.33 40.10
C GLU A 99 2.05 -9.61 38.61
N ASN A 100 0.85 -9.74 38.06
CA ASN A 100 0.69 -9.94 36.63
C ASN A 100 0.79 -8.66 35.83
N ILE A 101 0.93 -7.49 36.47
CA ILE A 101 1.00 -6.22 35.77
C ILE A 101 2.45 -5.78 35.63
N SER A 102 2.86 -5.52 34.38
N SER A 102 2.89 -5.54 34.39
CA SER A 102 4.15 -4.97 34.04
CA SER A 102 4.17 -4.92 34.14
C SER A 102 3.94 -3.56 33.47
C SER A 102 3.95 -3.57 33.51
N LEU A 103 5.00 -2.76 33.51
CA LEU A 103 4.89 -1.37 33.09
C LEU A 103 5.99 -1.07 32.07
N CYS A 104 5.63 -0.22 31.11
CA CYS A 104 6.57 0.30 30.13
C CYS A 104 6.50 1.82 30.16
N GLN A 105 7.59 2.48 30.51
CA GLN A 105 7.66 3.93 30.52
C GLN A 105 8.15 4.37 29.16
N ALA A 106 7.25 4.98 28.39
CA ALA A 106 7.61 5.45 27.06
C ALA A 106 8.57 6.63 27.19
N LYS A 107 9.65 6.59 26.42
CA LYS A 107 10.62 7.67 26.52
C LYS A 107 10.05 8.96 25.94
N LEU A 108 10.29 10.05 26.65
CA LEU A 108 9.78 11.40 26.32
C LEU A 108 10.95 12.36 26.43
N ASP A 109 11.81 12.33 25.42
CA ASP A 109 13.09 13.05 25.49
C ASP A 109 13.02 14.47 24.97
N ILE A 110 11.85 14.91 24.50
CA ILE A 110 11.61 16.31 24.16
C ILE A 110 10.72 16.91 25.25
N ALA A 111 11.12 18.10 25.72
CA ALA A 111 10.40 18.75 26.82
C ALA A 111 8.91 18.92 26.49
N PHE A 112 8.08 18.80 27.52
CA PHE A 112 6.65 19.11 27.47
C PHE A 112 5.89 18.12 26.60
N GLY A 113 6.44 16.93 26.42
CA GLY A 113 5.75 15.88 25.70
C GLY A 113 5.03 14.95 26.66
N THR A 114 4.04 14.27 26.11
CA THR A 114 3.14 13.45 26.88
C THR A 114 2.90 12.15 26.13
N HIS A 115 2.55 11.09 26.83
CA HIS A 115 2.11 9.84 26.20
C HIS A 115 0.58 9.80 26.21
N HIS A 116 -0.04 10.19 25.09
CA HIS A 116 -1.49 10.33 25.04
C HIS A 116 -2.19 9.20 24.31
N THR A 117 -1.46 8.39 23.54
CA THR A 117 -2.06 7.28 22.82
C THR A 117 -2.90 6.38 23.73
N LYS A 118 -4.08 6.01 23.22
CA LYS A 118 -5.03 5.16 23.94
C LYS A 118 -5.30 3.97 23.03
N MET A 119 -4.77 2.81 23.42
CA MET A 119 -4.85 1.64 22.55
C MET A 119 -4.80 0.42 23.42
N MET A 120 -5.58 -0.59 23.04
CA MET A 120 -5.51 -1.91 23.66
C MET A 120 -5.01 -2.90 22.63
N LEU A 121 -4.05 -3.73 23.03
CA LEU A 121 -3.65 -4.88 22.23
C LEU A 121 -4.16 -6.07 23.02
N LEU A 122 -4.97 -6.89 22.40
CA LEU A 122 -5.68 -7.96 23.09
C LEU A 122 -5.30 -9.27 22.41
N LEU A 123 -4.44 -10.07 23.06
CA LEU A 123 -4.03 -11.36 22.52
C LEU A 123 -4.96 -12.43 23.06
N TYR A 124 -5.55 -13.21 22.17
CA TYR A 124 -6.51 -14.23 22.51
C TYR A 124 -6.03 -15.62 22.10
N GLU A 125 -6.70 -16.63 22.64
CA GLU A 125 -6.49 -17.98 22.14
C GLU A 125 -6.85 -18.06 20.66
N GLU A 126 -7.83 -17.27 20.22
CA GLU A 126 -8.37 -17.29 18.87
C GLU A 126 -7.68 -16.33 17.91
N GLY A 127 -6.80 -15.46 18.38
CA GLY A 127 -6.27 -14.45 17.47
C GLY A 127 -5.84 -13.22 18.23
N LEU A 128 -5.89 -12.08 17.54
CA LEU A 128 -5.42 -10.82 18.09
C LEU A 128 -6.42 -9.73 17.73
N ARG A 129 -6.65 -8.79 18.65
CA ARG A 129 -7.48 -7.63 18.34
C ARG A 129 -6.74 -6.36 18.75
N VAL A 130 -6.92 -5.30 17.97
CA VAL A 130 -6.39 -3.98 18.27
C VAL A 130 -7.56 -3.03 18.48
N VAL A 131 -7.55 -2.29 19.59
CA VAL A 131 -8.58 -1.29 19.88
C VAL A 131 -7.90 0.08 19.98
N ILE A 132 -8.31 1.02 19.13
CA ILE A 132 -7.71 2.36 19.20
C ILE A 132 -8.85 3.29 19.56
N HIS A 133 -8.69 4.06 20.64
CA HIS A 133 -9.86 4.73 21.23
C HIS A 133 -9.40 6.03 21.90
N THR A 134 -10.32 6.69 22.65
CA THR A 134 -10.02 8.03 23.14
C THR A 134 -10.11 8.16 24.66
N SER A 135 -10.41 7.09 25.40
CA SER A 135 -10.69 7.21 26.83
C SER A 135 -9.49 6.88 27.70
N ASN A 136 -9.30 7.68 28.75
CA ASN A 136 -8.39 7.27 29.82
C ASN A 136 -8.97 6.06 30.54
N LEU A 137 -8.10 5.33 31.28
CA LEU A 137 -8.55 4.14 32.01
C LEU A 137 -8.92 4.50 33.45
N ILE A 138 -9.95 5.33 33.53
CA ILE A 138 -10.50 5.79 34.80
C ILE A 138 -12.01 5.80 34.63
N HIS A 139 -12.73 5.66 35.78
CA HIS A 139 -14.19 5.51 35.74
C HIS A 139 -14.87 6.67 35.01
N ALA A 140 -14.40 7.89 35.26
CA ALA A 140 -15.12 9.06 34.73
C ALA A 140 -15.07 9.14 33.21
N ASP A 141 -14.02 8.59 32.60
CA ASP A 141 -13.91 8.74 31.16
C ASP A 141 -14.89 7.83 30.43
N TRP A 142 -15.44 6.82 31.10
CA TRP A 142 -16.37 5.87 30.47
C TRP A 142 -17.78 6.04 31.01
N HIS A 143 -18.02 7.06 31.83
CA HIS A 143 -19.30 7.20 32.53
C HIS A 143 -20.27 8.06 31.72
N GLN A 144 -19.99 9.36 31.56
CA GLN A 144 -20.94 10.27 30.89
C GLN A 144 -20.26 11.16 29.85
N LYS A 145 -19.21 10.66 29.21
CA LYS A 145 -18.53 11.44 28.18
C LYS A 145 -18.84 10.87 26.81
N THR A 146 -18.67 11.71 25.77
CA THR A 146 -18.65 11.21 24.40
C THR A 146 -17.21 10.79 24.08
N GLN A 147 -17.00 9.50 23.82
CA GLN A 147 -15.68 8.94 23.50
C GLN A 147 -15.84 8.06 22.27
N GLY A 148 -14.74 7.91 21.50
CA GLY A 148 -14.75 7.09 20.29
C GLY A 148 -13.89 5.85 20.41
N ILE A 149 -14.32 4.78 19.72
CA ILE A 149 -13.61 3.49 19.70
C ILE A 149 -13.57 2.99 18.28
N TRP A 150 -12.39 2.53 17.84
CA TRP A 150 -12.29 1.74 16.61
C TRP A 150 -11.92 0.31 17.04
N LEU A 151 -12.72 -0.66 16.61
CA LEU A 151 -12.50 -2.07 16.92
C LEU A 151 -11.96 -2.78 15.70
N SER A 152 -10.74 -3.33 15.80
CA SER A 152 -10.24 -4.11 14.68
C SER A 152 -11.01 -5.40 14.55
N PRO A 153 -10.92 -6.04 13.38
CA PRO A 153 -11.34 -7.43 13.24
C PRO A 153 -10.56 -8.33 14.19
N LEU A 154 -11.10 -9.52 14.41
CA LEU A 154 -10.31 -10.61 15.00
C LEU A 154 -9.29 -11.07 13.97
N TYR A 155 -8.03 -10.79 14.25
CA TYR A 155 -6.97 -11.18 13.32
C TYR A 155 -6.53 -12.61 13.62
N PRO A 156 -6.61 -13.54 12.68
CA PRO A 156 -6.20 -14.92 12.96
C PRO A 156 -4.68 -15.02 12.95
N ARG A 157 -4.18 -16.08 13.60
CA ARG A 157 -2.75 -16.36 13.54
C ARG A 157 -2.37 -16.95 12.19
N ILE A 158 -1.20 -16.56 11.68
CA ILE A 158 -0.59 -17.24 10.52
C ILE A 158 0.02 -18.55 11.00
N ALA A 159 -0.21 -19.62 10.26
CA ALA A 159 0.27 -20.94 10.65
C ALA A 159 1.80 -21.01 10.72
N ASP A 160 2.30 -21.76 11.71
CA ASP A 160 3.72 -22.07 11.80
C ASP A 160 4.22 -22.64 10.48
N GLY A 161 5.28 -22.05 9.96
CA GLY A 161 5.85 -22.48 8.70
C GLY A 161 5.28 -21.80 7.47
N THR A 162 4.12 -21.18 7.57
CA THR A 162 3.57 -20.39 6.48
C THR A 162 4.27 -19.04 6.41
N HIS A 163 4.74 -18.67 5.22
CA HIS A 163 5.35 -17.35 4.98
C HIS A 163 4.37 -16.51 4.17
N LYS A 164 3.70 -15.58 4.85
CA LYS A 164 2.87 -14.60 4.17
C LYS A 164 3.02 -13.29 4.91
N SER A 165 2.67 -12.19 4.26
CA SER A 165 2.87 -10.92 4.93
C SER A 165 1.83 -10.66 6.01
N GLY A 166 0.58 -11.11 5.82
CA GLY A 166 -0.50 -10.67 6.69
C GLY A 166 -0.81 -9.20 6.60
N GLU A 167 -0.43 -8.55 5.50
CA GLU A 167 -0.53 -7.10 5.37
C GLU A 167 -1.86 -6.73 4.69
N SER A 168 -2.37 -5.57 5.06
CA SER A 168 -3.59 -5.02 4.46
C SER A 168 -3.26 -4.05 3.33
N PRO A 169 -4.24 -3.72 2.49
CA PRO A 169 -4.00 -2.70 1.47
C PRO A 169 -3.69 -1.35 2.06
N THR A 170 -4.03 -1.11 3.33
CA THR A 170 -3.72 0.16 3.97
C THR A 170 -2.37 0.15 4.69
N HIS A 171 -1.62 -0.95 4.62
CA HIS A 171 -0.28 -1.07 5.23
C HIS A 171 -0.36 -1.01 6.75
N PHE A 172 -1.52 -1.33 7.32
CA PHE A 172 -1.72 -1.18 8.75
C PHE A 172 -0.75 -2.02 9.57
N LYS A 173 -0.43 -3.22 9.12
CA LYS A 173 0.39 -4.08 9.97
C LYS A 173 1.79 -3.50 10.11
N ALA A 174 2.45 -3.23 8.99
CA ALA A 174 3.75 -2.60 9.05
C ALA A 174 3.70 -1.26 9.74
N ASP A 175 2.61 -0.50 9.56
CA ASP A 175 2.56 0.82 10.19
C ASP A 175 2.42 0.72 11.71
N LEU A 176 1.60 -0.23 12.19
CA LEU A 176 1.49 -0.44 13.64
C LEU A 176 2.82 -0.93 14.23
N ILE A 177 3.52 -1.81 13.51
CA ILE A 177 4.84 -2.22 13.98
C ILE A 177 5.81 -1.03 14.03
N SER A 178 5.78 -0.18 13.01
N SER A 178 5.76 -0.16 13.02
CA SER A 178 6.62 1.03 12.99
CA SER A 178 6.63 1.02 13.02
C SER A 178 6.33 1.93 14.20
C SER A 178 6.32 1.93 14.19
N TYR A 179 5.04 2.15 14.48
CA TYR A 179 4.66 2.92 15.65
C TYR A 179 5.27 2.33 16.95
N LEU A 180 5.14 1.01 17.12
CA LEU A 180 5.67 0.36 18.31
C LEU A 180 7.18 0.39 18.36
N MET A 181 7.83 0.29 17.20
N MET A 181 7.82 0.28 17.19
CA MET A 181 9.30 0.33 17.16
CA MET A 181 9.27 0.35 17.11
C MET A 181 9.84 1.65 17.68
C MET A 181 9.82 1.64 17.69
N ALA A 182 9.07 2.74 17.54
CA ALA A 182 9.55 4.05 17.98
C ALA A 182 9.82 4.07 19.48
N TYR A 183 9.12 3.25 20.26
CA TYR A 183 9.35 3.22 21.70
C TYR A 183 10.72 2.63 22.07
N ASN A 184 11.29 1.75 21.24
CA ASN A 184 12.55 1.09 21.55
C ASN A 184 12.51 0.39 22.91
N ALA A 185 11.39 -0.32 23.17
CA ALA A 185 11.10 -0.93 24.47
C ALA A 185 11.03 -2.44 24.38
N PRO A 186 11.67 -3.17 25.30
CA PRO A 186 11.65 -4.64 25.16
C PRO A 186 10.27 -5.21 25.29
N SER A 187 9.44 -4.67 26.18
CA SER A 187 8.08 -5.19 26.30
C SER A 187 7.30 -5.03 25.02
N LEU A 188 7.57 -3.99 24.26
CA LEU A 188 6.83 -3.79 23.03
C LEU A 188 7.45 -4.54 21.88
N LYS A 189 8.75 -4.89 21.93
CA LYS A 189 9.23 -5.81 20.92
C LYS A 189 8.50 -7.16 21.04
N GLU A 190 8.12 -7.57 22.24
CA GLU A 190 7.37 -8.82 22.37
C GLU A 190 6.04 -8.71 21.65
N TRP A 191 5.37 -7.56 21.80
CA TRP A 191 4.11 -7.34 21.10
C TRP A 191 4.32 -7.22 19.60
N ILE A 192 5.44 -6.65 19.17
CA ILE A 192 5.74 -6.61 17.72
C ILE A 192 5.82 -8.03 17.20
N ASP A 193 6.45 -8.93 17.94
CA ASP A 193 6.57 -10.31 17.47
C ASP A 193 5.19 -10.98 17.45
N VAL A 194 4.31 -10.65 18.39
CA VAL A 194 2.94 -11.17 18.34
C VAL A 194 2.25 -10.71 17.06
N ILE A 195 2.34 -9.40 16.77
CA ILE A 195 1.71 -8.85 15.57
C ILE A 195 2.27 -9.51 14.31
N HIS A 196 3.59 -9.72 14.23
CA HIS A 196 4.18 -10.43 13.07
C HIS A 196 3.49 -11.76 12.79
N LYS A 197 3.11 -12.47 13.86
CA LYS A 197 2.53 -13.81 13.73
C LYS A 197 1.06 -13.82 13.35
N HIS A 198 0.43 -12.64 13.16
CA HIS A 198 -1.00 -12.57 12.87
C HIS A 198 -1.26 -11.94 11.51
N ASP A 199 -2.44 -12.28 10.98
CA ASP A 199 -2.86 -11.83 9.65
C ASP A 199 -3.76 -10.62 9.83
N LEU A 200 -3.26 -9.43 9.47
CA LEU A 200 -4.02 -8.19 9.64
C LEU A 200 -4.58 -7.68 8.32
N SER A 201 -4.66 -8.55 7.32
CA SER A 201 -4.95 -8.11 5.95
C SER A 201 -6.37 -7.56 5.77
N GLU A 202 -7.30 -7.87 6.66
CA GLU A 202 -8.65 -7.35 6.52
C GLU A 202 -8.77 -5.90 6.93
N THR A 203 -7.71 -5.28 7.45
CA THR A 203 -7.81 -3.94 8.02
C THR A 203 -8.04 -2.91 6.93
N ASN A 204 -9.06 -2.07 7.11
N ASN A 204 -9.05 -2.07 7.10
CA ASN A 204 -9.47 -1.10 6.09
CA ASN A 204 -9.37 -1.08 6.07
C ASN A 204 -9.24 0.36 6.50
C ASN A 204 -9.38 0.34 6.60
N VAL A 205 -8.62 0.60 7.67
CA VAL A 205 -8.25 1.93 8.12
C VAL A 205 -6.74 2.14 7.99
N TYR A 206 -6.33 3.42 7.86
CA TYR A 206 -4.93 3.81 7.90
C TYR A 206 -4.55 4.29 9.28
N LEU A 207 -3.39 3.88 9.76
CA LEU A 207 -2.89 4.36 11.04
C LEU A 207 -2.24 5.73 10.90
N ILE A 208 -2.59 6.66 11.80
CA ILE A 208 -1.92 7.96 11.88
C ILE A 208 -1.41 8.12 13.30
N GLY A 209 -0.08 8.00 13.45
CA GLY A 209 0.53 8.17 14.76
C GLY A 209 1.40 9.40 14.85
N SER A 210 1.61 9.83 16.09
CA SER A 210 2.66 10.78 16.44
C SER A 210 3.59 10.08 17.40
N THR A 211 4.89 10.37 17.26
N THR A 211 4.90 10.28 17.21
CA THR A 211 5.83 9.88 18.25
CA THR A 211 5.87 9.85 18.21
C THR A 211 6.93 10.93 18.37
C THR A 211 6.85 11.00 18.41
N PRO A 212 7.52 11.09 19.55
CA PRO A 212 8.42 12.22 19.78
C PRO A 212 9.63 12.17 18.87
N GLY A 213 9.97 13.32 18.32
CA GLY A 213 11.25 13.40 17.65
C GLY A 213 11.31 14.58 16.69
N ARG A 214 12.40 14.59 15.92
N ARG A 214 12.39 14.59 15.91
CA ARG A 214 12.64 15.61 14.91
CA ARG A 214 12.61 15.62 14.91
C ARG A 214 12.85 14.85 13.61
C ARG A 214 12.87 14.92 13.59
N PHE A 215 11.88 14.93 12.71
CA PHE A 215 11.84 14.08 11.52
C PHE A 215 12.14 14.88 10.27
N GLN A 216 13.15 14.42 9.51
CA GLN A 216 13.59 15.04 8.26
C GLN A 216 13.58 14.00 7.14
N GLY A 217 13.70 14.47 5.89
CA GLY A 217 13.96 13.55 4.79
C GLY A 217 13.00 12.37 4.67
N SER A 218 13.52 11.15 4.73
CA SER A 218 12.70 9.95 4.53
C SER A 218 11.70 9.73 5.66
N GLN A 219 11.82 10.43 6.78
CA GLN A 219 10.92 10.23 7.91
C GLN A 219 9.91 11.34 8.09
N LYS A 220 10.03 12.41 7.31
CA LYS A 220 9.16 13.58 7.42
C LYS A 220 7.68 13.21 7.37
N ASP A 221 7.32 12.25 6.53
CA ASP A 221 5.93 11.87 6.28
C ASP A 221 5.43 10.76 7.18
N ASN A 222 6.25 10.31 8.13
CA ASN A 222 5.86 9.17 8.94
C ASN A 222 4.80 9.51 9.98
N TRP A 223 4.74 10.76 10.47
CA TRP A 223 4.03 11.03 11.71
C TRP A 223 3.22 12.32 11.61
N GLY A 224 2.27 12.46 12.52
CA GLY A 224 1.60 13.76 12.70
C GLY A 224 0.91 14.30 11.47
N HIS A 225 0.91 15.62 11.33
CA HIS A 225 0.06 16.14 10.27
C HIS A 225 0.66 15.90 8.89
N PHE A 226 1.96 15.65 8.79
CA PHE A 226 2.55 15.29 7.50
C PHE A 226 2.16 13.87 7.10
N ARG A 227 1.96 12.98 8.09
CA ARG A 227 1.45 11.65 7.79
C ARG A 227 0.05 11.74 7.21
N LEU A 228 -0.79 12.56 7.84
CA LEU A 228 -2.12 12.81 7.28
C LEU A 228 -2.02 13.34 5.86
N LYS A 229 -1.20 14.39 5.65
CA LYS A 229 -1.06 15.00 4.33
C LYS A 229 -0.68 13.94 3.30
N LYS A 230 0.29 13.08 3.66
CA LYS A 230 0.80 12.10 2.70
C LYS A 230 -0.29 11.12 2.31
N LEU A 231 -1.09 10.68 3.28
CA LEU A 231 -2.17 9.73 3.00
C LEU A 231 -3.25 10.37 2.13
N LEU A 232 -3.56 11.65 2.40
CA LEU A 232 -4.55 12.37 1.60
C LEU A 232 -4.06 12.61 0.17
N LYS A 233 -2.77 12.90 0.01
CA LYS A 233 -2.19 13.04 -1.31
C LYS A 233 -2.23 11.72 -2.09
N ASP A 234 -1.96 10.59 -1.43
CA ASP A 234 -1.81 9.33 -2.13
C ASP A 234 -3.12 8.54 -2.31
N HIS A 235 -4.12 8.75 -1.44
CA HIS A 235 -5.27 7.85 -1.40
C HIS A 235 -6.60 8.57 -1.38
N ALA A 236 -6.62 9.88 -1.63
CA ALA A 236 -7.83 10.63 -1.84
C ALA A 236 -7.73 11.35 -3.18
N SER A 237 -8.88 11.75 -3.70
CA SER A 237 -8.98 12.50 -4.95
C SER A 237 -9.52 13.89 -4.66
N SER A 238 -8.98 14.88 -5.36
CA SER A 238 -9.57 16.20 -5.32
C SER A 238 -10.78 16.23 -6.24
N MET A 239 -11.75 17.06 -5.87
CA MET A 239 -12.99 17.20 -6.61
C MET A 239 -13.12 18.64 -7.08
N PRO A 240 -14.01 18.92 -8.03
CA PRO A 240 -14.28 20.31 -8.38
C PRO A 240 -14.82 21.04 -7.17
N ASN A 241 -14.46 22.32 -7.04
CA ASN A 241 -14.90 23.17 -5.94
C ASN A 241 -14.44 22.62 -4.60
N ALA A 242 -13.29 21.93 -4.59
CA ALA A 242 -12.73 21.44 -3.33
C ALA A 242 -12.52 22.56 -2.31
N GLU A 243 -12.26 23.77 -2.80
CA GLU A 243 -12.06 24.91 -1.90
C GLU A 243 -13.31 25.20 -1.08
N SER A 244 -14.46 24.67 -1.50
CA SER A 244 -15.72 24.86 -0.79
C SER A 244 -15.97 23.78 0.26
N TRP A 245 -15.20 22.70 0.25
CA TRP A 245 -15.39 21.64 1.24
C TRP A 245 -14.70 22.06 2.54
N PRO A 246 -15.44 22.24 3.63
CA PRO A 246 -14.81 22.67 4.87
C PRO A 246 -13.87 21.61 5.48
N VAL A 247 -13.07 22.09 6.44
CA VAL A 247 -12.34 21.23 7.38
C VAL A 247 -13.02 21.38 8.74
N VAL A 248 -13.28 20.26 9.41
CA VAL A 248 -13.81 20.28 10.79
C VAL A 248 -12.80 19.61 11.72
N GLY A 249 -12.46 20.30 12.82
CA GLY A 249 -11.66 19.69 13.88
C GLY A 249 -12.47 19.79 15.16
N GLN A 250 -12.37 18.75 15.97
CA GLN A 250 -13.22 18.61 17.15
C GLN A 250 -12.35 17.98 18.23
N PHE A 251 -12.23 18.62 19.40
CA PHE A 251 -11.16 18.24 20.32
C PHE A 251 -11.54 18.62 21.74
N SER A 252 -10.75 18.19 22.71
CA SER A 252 -11.09 18.48 24.10
C SER A 252 -10.01 19.28 24.84
N SER A 253 -8.93 19.68 24.15
CA SER A 253 -7.88 20.48 24.74
C SER A 253 -7.25 21.31 23.63
N VAL A 254 -6.74 22.46 24.02
CA VAL A 254 -6.16 23.43 23.09
C VAL A 254 -4.78 23.82 23.61
N GLY A 255 -3.76 23.70 22.76
CA GLY A 255 -2.43 24.16 23.09
C GLY A 255 -2.19 25.59 22.66
N SER A 256 -0.97 26.07 22.91
N SER A 256 -0.98 26.07 22.94
CA SER A 256 -0.57 27.41 22.48
CA SER A 256 -0.54 27.38 22.46
C SER A 256 -0.24 27.40 20.99
C SER A 256 -0.29 27.32 20.96
N LEU A 257 -1.05 28.09 20.19
CA LEU A 257 -0.94 28.03 18.74
C LEU A 257 -0.22 29.23 18.13
N GLY A 258 0.09 30.25 18.91
CA GLY A 258 0.79 31.42 18.40
C GLY A 258 -0.10 32.64 18.39
N ALA A 259 0.54 33.78 18.10
CA ALA A 259 -0.11 35.08 18.23
C ALA A 259 -1.18 35.33 17.16
N ASP A 260 -1.18 34.57 16.07
CA ASP A 260 -2.22 34.71 15.05
C ASP A 260 -2.31 33.41 14.26
N GLU A 261 -3.33 33.35 13.39
CA GLU A 261 -3.60 32.08 12.72
C GLU A 261 -2.54 31.69 11.70
N SER A 262 -1.72 32.64 11.23
CA SER A 262 -0.67 32.31 10.26
C SER A 262 0.52 31.58 10.87
N LYS A 263 0.68 31.58 12.20
CA LYS A 263 1.85 30.98 12.82
C LYS A 263 1.86 29.47 12.68
N TRP A 264 0.68 28.85 12.77
CA TRP A 264 0.60 27.41 12.66
C TRP A 264 -0.76 26.90 12.16
N LEU A 265 -1.85 27.43 12.72
CA LEU A 265 -3.15 26.80 12.51
C LEU A 265 -3.58 26.86 11.05
N CYS A 266 -3.55 28.05 10.46
CA CYS A 266 -4.01 28.26 9.10
C CYS A 266 -2.89 28.24 8.11
N SER A 267 -1.66 27.97 8.55
N SER A 267 -1.67 27.94 8.55
CA SER A 267 -0.56 27.75 7.62
CA SER A 267 -0.54 27.77 7.66
C SER A 267 -0.39 26.24 7.52
C SER A 267 -0.31 26.28 7.47
N GLU A 268 0.54 25.66 8.29
CA GLU A 268 0.87 24.26 8.06
C GLU A 268 -0.25 23.29 8.46
N PHE A 269 -0.97 23.53 9.56
CA PHE A 269 -1.98 22.55 9.98
C PHE A 269 -3.16 22.49 9.00
N LYS A 270 -3.79 23.63 8.72
CA LYS A 270 -4.88 23.61 7.76
C LYS A 270 -4.41 23.13 6.40
N GLU A 271 -3.19 23.51 6.00
CA GLU A 271 -2.66 23.10 4.70
C GLU A 271 -2.60 21.58 4.59
N SER A 272 -2.14 20.90 5.65
CA SER A 272 -2.17 19.44 5.59
C SER A 272 -3.59 18.92 5.54
N MET A 273 -4.49 19.48 6.35
CA MET A 273 -5.85 18.93 6.38
C MET A 273 -6.65 19.20 5.11
N LEU A 274 -6.30 20.23 4.32
CA LEU A 274 -7.05 20.46 3.10
C LEU A 274 -6.48 19.72 1.89
N THR A 275 -5.39 18.98 2.06
CA THR A 275 -4.81 18.23 0.96
C THR A 275 -5.78 17.18 0.42
N LEU A 276 -5.87 17.11 -0.91
CA LEU A 276 -6.57 16.01 -1.57
C LEU A 276 -5.87 15.72 -2.88
N GLY A 277 -5.34 14.51 -3.02
CA GLY A 277 -4.74 14.10 -4.28
C GLY A 277 -3.34 14.66 -4.51
N LYS A 278 -2.82 14.39 -5.72
CA LYS A 278 -1.39 14.57 -5.96
C LYS A 278 -1.03 15.84 -6.72
N GLU A 279 -2.00 16.63 -7.15
CA GLU A 279 -1.71 17.86 -7.88
C GLU A 279 -1.45 19.02 -6.92
N SER A 280 -0.75 20.03 -7.41
CA SER A 280 -0.40 21.17 -6.57
C SER A 280 -1.64 22.00 -6.18
N SER A 286 -5.77 30.15 1.43
CA SER A 286 -6.89 29.30 1.03
C SER A 286 -8.21 29.80 1.61
N SER A 287 -9.29 29.63 0.85
CA SER A 287 -10.63 30.03 1.24
C SER A 287 -11.41 28.93 1.94
N VAL A 288 -10.80 27.76 2.14
CA VAL A 288 -11.48 26.60 2.73
C VAL A 288 -11.97 26.98 4.13
N PRO A 289 -13.27 26.86 4.42
CA PRO A 289 -13.75 27.17 5.78
C PRO A 289 -13.20 26.19 6.80
N LEU A 290 -12.85 26.72 7.98
CA LEU A 290 -12.35 25.87 9.07
C LEU A 290 -13.30 26.01 10.26
N TYR A 291 -13.89 24.90 10.66
CA TYR A 291 -14.79 24.82 11.82
C TYR A 291 -14.07 24.10 12.95
N LEU A 292 -13.96 24.72 14.13
CA LEU A 292 -13.38 24.04 15.29
C LEU A 292 -14.49 23.86 16.34
N ILE A 293 -14.67 22.63 16.81
CA ILE A 293 -15.73 22.32 17.78
C ILE A 293 -15.10 22.11 19.15
N TYR A 294 -15.50 22.92 20.13
CA TYR A 294 -14.91 22.83 21.46
C TYR A 294 -15.97 23.33 22.44
N PRO A 295 -16.20 22.62 23.56
CA PRO A 295 -17.33 22.98 24.45
C PRO A 295 -17.24 24.40 24.98
N SER A 296 -18.38 25.10 24.93
CA SER A 296 -18.48 26.37 25.62
C SER A 296 -18.67 26.18 27.13
N VAL A 297 -18.59 27.28 27.90
CA VAL A 297 -18.91 27.20 29.33
C VAL A 297 -20.33 26.67 29.53
N GLU A 298 -21.28 27.16 28.73
N GLU A 298 -21.28 27.16 28.73
CA GLU A 298 -22.66 26.71 28.86
CA GLU A 298 -22.66 26.70 28.87
C GLU A 298 -22.80 25.23 28.54
C GLU A 298 -22.79 25.22 28.54
N ASN A 299 -22.08 24.74 27.52
CA ASN A 299 -22.08 23.31 27.25
C ASN A 299 -21.67 22.52 28.49
N VAL A 300 -20.61 22.97 29.18
CA VAL A 300 -20.11 22.23 30.36
C VAL A 300 -21.09 22.35 31.52
N ARG A 301 -21.59 23.57 31.77
CA ARG A 301 -22.47 23.79 32.92
C ARG A 301 -23.70 22.89 32.86
N THR A 302 -24.32 22.78 31.70
CA THR A 302 -25.56 22.05 31.56
C THR A 302 -25.32 20.59 31.22
N SER A 303 -24.08 20.13 31.25
CA SER A 303 -23.77 18.75 30.90
C SER A 303 -24.21 17.78 32.01
N LEU A 304 -24.22 16.47 31.66
CA LEU A 304 -24.59 15.45 32.64
C LEU A 304 -23.71 15.51 33.88
N GLU A 305 -22.40 15.71 33.70
CA GLU A 305 -21.47 15.81 34.83
C GLU A 305 -21.48 17.16 35.53
N GLY A 306 -21.91 18.20 34.81
CA GLY A 306 -21.79 19.57 35.27
C GLY A 306 -20.37 20.10 35.12
N TYR A 307 -20.04 21.09 35.94
CA TYR A 307 -18.73 21.72 35.87
C TYR A 307 -17.58 20.72 35.99
N PRO A 308 -17.68 19.63 36.78
CA PRO A 308 -16.56 18.66 36.80
C PRO A 308 -16.18 18.10 35.44
N ALA A 309 -17.08 18.09 34.45
CA ALA A 309 -16.66 17.66 33.10
C ALA A 309 -15.49 18.50 32.61
N GLY A 310 -15.42 19.76 33.08
CA GLY A 310 -14.35 20.65 32.70
C GLY A 310 -12.98 20.24 33.21
N GLY A 311 -12.91 19.35 34.20
CA GLY A 311 -11.60 18.81 34.56
C GLY A 311 -10.97 17.93 33.48
N SER A 312 -11.75 17.50 32.49
CA SER A 312 -11.25 16.78 31.34
C SER A 312 -11.22 17.64 30.08
N LEU A 313 -11.30 18.97 30.25
CA LEU A 313 -11.24 19.91 29.12
C LEU A 313 -10.15 20.91 29.44
N PRO A 314 -8.87 20.47 29.36
CA PRO A 314 -7.75 21.33 29.78
C PRO A 314 -7.49 22.42 28.77
N TYR A 315 -7.84 23.64 29.11
CA TYR A 315 -7.53 24.83 28.34
C TYR A 315 -7.30 25.90 29.39
N SER A 316 -6.07 26.35 29.53
CA SER A 316 -5.78 27.25 30.64
C SER A 316 -5.98 28.71 30.23
N ILE A 317 -6.24 29.56 31.22
CA ILE A 317 -6.44 30.97 30.92
C ILE A 317 -5.16 31.61 30.41
N GLN A 318 -4.00 31.16 30.90
CA GLN A 318 -2.72 31.71 30.47
C GLN A 318 -2.52 31.51 28.98
N THR A 319 -2.91 30.34 28.48
CA THR A 319 -2.82 30.08 27.04
C THR A 319 -3.90 30.82 26.28
N ALA A 320 -5.15 30.74 26.78
CA ALA A 320 -6.27 31.31 26.04
C ALA A 320 -6.11 32.81 25.82
N GLU A 321 -5.65 33.53 26.83
CA GLU A 321 -5.58 34.98 26.71
C GLU A 321 -4.52 35.43 25.71
N LYS A 322 -3.62 34.54 25.28
CA LYS A 322 -2.62 34.88 24.28
C LYS A 322 -3.10 34.61 22.87
N GLN A 323 -4.28 34.03 22.70
CA GLN A 323 -4.75 33.67 21.36
C GLN A 323 -6.26 33.84 21.27
N ASN A 324 -6.76 35.01 21.65
CA ASN A 324 -8.20 35.23 21.56
C ASN A 324 -8.68 35.19 20.11
N TRP A 325 -7.79 35.42 19.14
CA TRP A 325 -8.16 35.28 17.72
C TRP A 325 -8.75 33.90 17.42
N LEU A 326 -8.29 32.88 18.15
CA LEU A 326 -8.70 31.50 17.88
C LEU A 326 -10.18 31.29 18.14
N HIS A 327 -10.75 32.00 19.11
CA HIS A 327 -12.10 31.66 19.56
C HIS A 327 -13.16 32.03 18.53
N SER A 328 -12.83 32.89 17.56
N SER A 328 -12.82 32.89 17.56
CA SER A 328 -13.75 33.17 16.48
CA SER A 328 -13.73 33.18 16.46
C SER A 328 -13.97 31.96 15.57
C SER A 328 -13.97 31.96 15.57
N TYR A 329 -13.14 30.93 15.69
CA TYR A 329 -13.33 29.67 14.95
C TYR A 329 -14.20 28.68 15.70
N PHE A 330 -14.57 28.97 16.94
CA PHE A 330 -15.13 27.96 17.82
C PHE A 330 -16.64 27.79 17.65
N HIS A 331 -17.06 26.53 17.64
CA HIS A 331 -18.44 26.09 17.50
C HIS A 331 -18.81 25.22 18.70
N LYS A 332 -20.08 25.30 19.08
CA LYS A 332 -20.59 24.60 20.25
C LYS A 332 -20.57 23.10 20.03
N TRP A 333 -20.51 22.36 21.14
CA TRP A 333 -20.76 20.92 21.09
C TRP A 333 -22.25 20.68 20.99
N SER A 334 -22.64 19.91 19.99
CA SER A 334 -24.03 19.53 19.80
C SER A 334 -24.06 18.14 19.22
N ALA A 335 -24.85 17.24 19.80
CA ALA A 335 -24.83 15.84 19.36
C ALA A 335 -26.21 15.21 19.53
N GLU A 336 -27.25 15.93 19.08
CA GLU A 336 -28.60 15.36 19.08
C GLU A 336 -28.63 14.04 18.30
N THR A 337 -27.82 13.95 17.22
CA THR A 337 -27.82 12.75 16.39
C THR A 337 -27.53 11.50 17.19
N SER A 338 -26.73 11.60 18.27
CA SER A 338 -26.38 10.44 19.11
C SER A 338 -26.90 10.60 20.54
N GLY A 339 -27.81 11.53 20.76
CA GLY A 339 -28.34 11.75 22.12
C GLY A 339 -27.30 12.24 23.10
N ARG A 340 -26.22 12.86 22.62
CA ARG A 340 -25.06 13.14 23.45
C ARG A 340 -24.69 14.63 23.57
N SER A 341 -25.67 15.53 23.36
CA SER A 341 -25.34 16.95 23.52
C SER A 341 -24.87 17.26 24.92
N ASN A 342 -25.32 16.51 25.93
CA ASN A 342 -24.96 16.80 27.31
C ASN A 342 -23.87 15.85 27.81
N ALA A 343 -23.28 15.05 26.92
CA ALA A 343 -22.19 14.14 27.28
C ALA A 343 -20.92 14.75 26.72
N MET A 344 -20.14 15.40 27.58
CA MET A 344 -19.08 16.25 27.07
C MET A 344 -18.05 15.44 26.28
N PRO A 345 -17.53 16.00 25.21
CA PRO A 345 -16.63 15.23 24.35
C PRO A 345 -15.23 15.10 24.94
N HIS A 346 -14.73 13.87 24.95
CA HIS A 346 -13.31 13.59 25.10
C HIS A 346 -12.78 12.85 23.88
N ILE A 347 -13.67 12.45 22.96
CA ILE A 347 -13.27 12.05 21.61
C ILE A 347 -12.57 13.24 20.93
N LYS A 348 -11.68 12.92 19.99
CA LYS A 348 -11.17 13.93 19.06
C LYS A 348 -11.39 13.38 17.67
N THR A 349 -11.89 14.23 16.81
CA THR A 349 -12.16 13.85 15.43
C THR A 349 -11.82 14.99 14.48
N TYR A 350 -11.45 14.62 13.24
CA TYR A 350 -11.17 15.58 12.18
C TYR A 350 -11.79 15.02 10.92
N MET A 351 -12.40 15.88 10.09
CA MET A 351 -13.04 15.35 8.89
C MET A 351 -13.19 16.46 7.84
N ARG A 352 -13.58 16.05 6.63
CA ARG A 352 -13.64 16.94 5.47
C ARG A 352 -15.01 16.84 4.82
N PRO A 353 -16.02 17.52 5.35
CA PRO A 353 -17.36 17.43 4.75
C PRO A 353 -17.48 18.23 3.46
N SER A 354 -18.52 17.88 2.72
CA SER A 354 -18.91 18.63 1.53
C SER A 354 -19.56 19.96 1.95
N PRO A 355 -19.79 20.89 1.00
CA PRO A 355 -20.30 22.21 1.40
C PRO A 355 -21.62 22.16 2.10
N ASP A 356 -22.46 21.18 1.79
CA ASP A 356 -23.74 21.05 2.48
C ASP A 356 -23.71 19.99 3.57
N PHE A 357 -22.52 19.51 3.98
CA PHE A 357 -22.34 18.55 5.07
C PHE A 357 -23.08 17.24 4.87
N SER A 358 -23.42 16.91 3.62
CA SER A 358 -24.13 15.66 3.35
C SER A 358 -23.20 14.49 3.08
N LYS A 359 -21.95 14.79 2.75
CA LYS A 359 -20.92 13.80 2.44
C LYS A 359 -19.66 14.19 3.17
N ILE A 360 -18.75 13.20 3.35
CA ILE A 360 -17.42 13.54 3.82
C ILE A 360 -16.38 12.83 2.96
N ALA A 361 -15.26 13.51 2.78
CA ALA A 361 -14.17 12.95 2.00
C ALA A 361 -13.24 12.04 2.81
N TRP A 362 -13.30 12.13 4.14
CA TRP A 362 -12.53 11.29 5.06
C TRP A 362 -12.92 11.67 6.49
N PHE A 363 -12.57 10.80 7.41
CA PHE A 363 -12.87 10.95 8.83
C PHE A 363 -11.73 10.34 9.64
N LEU A 364 -11.27 11.05 10.67
CA LEU A 364 -10.19 10.59 11.54
C LEU A 364 -10.67 10.63 12.97
N VAL A 365 -10.48 9.54 13.70
CA VAL A 365 -10.69 9.56 15.15
C VAL A 365 -9.32 9.32 15.77
N THR A 366 -8.96 10.12 16.79
CA THR A 366 -7.59 10.11 17.26
C THR A 366 -7.54 10.58 18.72
N SER A 367 -6.39 10.38 19.34
CA SER A 367 -6.12 10.98 20.66
C SER A 367 -5.66 12.43 20.52
N ALA A 368 -5.29 12.86 19.31
CA ALA A 368 -4.62 14.16 19.17
C ALA A 368 -5.58 15.34 19.32
N ASN A 369 -5.30 16.18 20.30
CA ASN A 369 -5.99 17.47 20.50
C ASN A 369 -5.41 18.53 19.57
N LEU A 370 -5.95 19.76 19.68
CA LEU A 370 -5.51 20.85 18.80
C LEU A 370 -4.26 21.49 19.40
N SER A 371 -3.12 20.83 19.14
CA SER A 371 -1.85 21.32 19.67
C SER A 371 -0.70 20.95 18.75
N LYS A 372 0.31 21.83 18.76
CA LYS A 372 1.55 21.55 18.07
C LYS A 372 2.28 20.34 18.64
N ALA A 373 2.17 20.10 19.95
CA ALA A 373 2.88 18.98 20.55
C ALA A 373 2.37 17.66 19.98
N ALA A 374 1.08 17.61 19.67
CA ALA A 374 0.39 16.40 19.21
C ALA A 374 0.55 16.19 17.72
N TRP A 375 0.44 17.27 16.95
CA TRP A 375 0.40 17.17 15.49
C TRP A 375 1.73 17.45 14.82
N GLY A 376 2.66 18.10 15.50
CA GLY A 376 3.93 18.46 14.91
C GLY A 376 3.97 19.92 14.47
N ALA A 377 5.16 20.50 14.56
CA ALA A 377 5.44 21.86 14.10
C ALA A 377 6.70 21.81 13.25
N LEU A 378 6.63 22.41 12.07
CA LEU A 378 7.79 22.49 11.19
C LEU A 378 8.89 23.35 11.80
N GLU A 379 10.13 22.91 11.57
CA GLU A 379 11.34 23.58 12.05
C GLU A 379 12.37 23.50 10.93
N LYS A 380 13.48 24.22 11.12
CA LYS A 380 14.63 24.14 10.24
C LYS A 380 14.23 24.49 8.81
N ASN A 381 13.61 25.66 8.64
CA ASN A 381 13.30 26.17 7.30
C ASN A 381 12.36 25.21 6.57
N GLY A 382 11.40 24.67 7.30
CA GLY A 382 10.39 23.76 6.77
C GLY A 382 10.87 22.36 6.43
N THR A 383 12.08 21.97 6.83
CA THR A 383 12.65 20.67 6.47
C THR A 383 12.46 19.60 7.53
N GLN A 384 11.99 19.97 8.73
CA GLN A 384 11.95 19.06 9.85
C GLN A 384 10.61 19.22 10.56
N LEU A 385 9.97 18.11 10.90
CA LEU A 385 8.74 18.14 11.69
C LEU A 385 9.10 17.71 13.10
N MET A 386 8.85 18.59 14.08
CA MET A 386 9.13 18.26 15.47
C MET A 386 7.83 17.93 16.19
N ILE A 387 7.81 16.77 16.86
CA ILE A 387 6.64 16.27 17.59
C ILE A 387 7.06 16.01 19.02
N ARG A 388 6.25 16.44 19.98
CA ARG A 388 6.66 16.21 21.35
C ARG A 388 6.05 14.97 21.97
N SER A 389 4.90 14.49 21.48
N SER A 389 4.90 14.51 21.47
CA SER A 389 4.08 13.56 22.23
CA SER A 389 4.08 13.53 22.18
C SER A 389 3.58 12.39 21.37
C SER A 389 3.89 12.26 21.37
N TYR A 390 3.34 11.26 22.05
CA TYR A 390 2.78 10.08 21.41
C TYR A 390 1.28 10.28 21.25
N GLU A 391 0.78 10.02 20.04
CA GLU A 391 -0.65 10.08 19.73
C GLU A 391 -0.98 8.96 18.77
N LEU A 392 -2.26 8.58 18.68
CA LEU A 392 -2.62 7.56 17.71
C LEU A 392 -4.08 7.69 17.30
N GLY A 393 -4.32 7.52 15.98
CA GLY A 393 -5.69 7.57 15.48
C GLY A 393 -5.78 6.69 14.25
N VAL A 394 -7.03 6.56 13.76
CA VAL A 394 -7.26 5.81 12.52
C VAL A 394 -8.05 6.66 11.55
N LEU A 395 -7.64 6.57 10.28
CA LEU A 395 -8.22 7.36 9.21
C LEU A 395 -9.11 6.47 8.34
N PHE A 396 -10.35 6.92 8.12
CA PHE A 396 -11.30 6.28 7.23
C PHE A 396 -11.30 7.06 5.92
N LEU A 397 -10.81 6.39 4.83
CA LEU A 397 -10.80 6.99 3.51
C LEU A 397 -11.76 6.25 2.59
N PRO A 398 -12.59 6.96 1.81
CA PRO A 398 -13.54 6.27 0.91
C PRO A 398 -12.86 5.26 0.00
N SER A 399 -11.66 5.56 -0.50
CA SER A 399 -11.01 4.65 -1.44
C SER A 399 -10.73 3.29 -0.80
N ALA A 400 -10.56 3.25 0.52
CA ALA A 400 -10.29 2.00 1.19
C ALA A 400 -11.53 1.13 1.34
N PHE A 401 -12.70 1.67 0.97
CA PHE A 401 -13.95 0.96 0.99
C PHE A 401 -14.56 0.87 -0.39
N GLY A 402 -13.82 1.23 -1.43
CA GLY A 402 -14.35 1.15 -2.79
C GLY A 402 -15.29 2.27 -3.13
N LEU A 403 -15.15 3.43 -2.48
CA LEU A 403 -16.09 4.53 -2.61
C LEU A 403 -15.37 5.82 -2.97
N ASP A 404 -16.13 6.77 -3.57
CA ASP A 404 -15.58 8.11 -3.79
C ASP A 404 -15.77 9.04 -2.61
N SER A 405 -16.82 8.86 -1.81
CA SER A 405 -17.05 9.67 -0.63
C SER A 405 -17.91 8.81 0.30
N PHE A 406 -18.07 9.29 1.53
CA PHE A 406 -19.01 8.70 2.49
C PHE A 406 -20.23 9.59 2.60
N LYS A 407 -21.41 9.00 2.50
N LYS A 407 -21.41 9.00 2.51
CA LYS A 407 -22.59 9.71 2.96
CA LYS A 407 -22.61 9.71 2.93
C LYS A 407 -22.55 9.83 4.47
C LYS A 407 -22.63 9.79 4.46
N VAL A 408 -23.10 10.91 5.00
CA VAL A 408 -23.18 11.10 6.43
C VAL A 408 -24.47 10.45 6.94
N LYS A 409 -24.33 9.59 7.96
CA LYS A 409 -25.49 8.97 8.59
C LYS A 409 -26.36 10.01 9.30
N GLN A 410 -27.65 9.99 8.99
CA GLN A 410 -28.58 11.01 9.49
C GLN A 410 -28.78 10.91 11.00
N LYS A 411 -28.98 9.70 11.50
CA LYS A 411 -29.08 9.47 12.95
C LYS A 411 -28.10 8.37 13.33
N PHE A 412 -27.20 8.69 14.27
CA PHE A 412 -26.03 7.84 14.54
C PHE A 412 -26.42 6.40 14.83
N PHE A 413 -27.51 6.18 15.57
CA PHE A 413 -27.93 4.83 15.95
C PHE A 413 -29.07 4.30 15.07
N ALA A 414 -29.41 4.99 13.99
CA ALA A 414 -30.52 4.54 13.16
C ALA A 414 -30.04 3.50 12.13
N GLY A 415 -30.97 3.05 11.29
CA GLY A 415 -30.65 2.06 10.26
C GLY A 415 -30.73 2.63 8.86
N SER A 416 -29.58 2.77 8.22
CA SER A 416 -29.50 3.37 6.89
C SER A 416 -29.71 2.32 5.80
N GLN A 417 -30.10 2.80 4.62
CA GLN A 417 -30.35 1.93 3.48
C GLN A 417 -29.06 1.43 2.84
N GLU A 418 -27.91 2.01 3.18
CA GLU A 418 -26.62 1.62 2.62
C GLU A 418 -25.57 1.74 3.70
N PRO A 419 -25.57 0.82 4.67
CA PRO A 419 -24.66 0.96 5.82
C PRO A 419 -23.18 0.90 5.45
N MET A 420 -22.82 0.33 4.30
CA MET A 420 -21.42 0.26 3.88
C MET A 420 -20.98 1.53 3.16
N ALA A 421 -21.92 2.39 2.78
CA ALA A 421 -21.62 3.81 2.66
C ALA A 421 -21.98 4.35 4.03
N THR A 422 -22.33 5.62 4.14
CA THR A 422 -23.00 6.08 5.35
C THR A 422 -22.15 5.99 6.62
N PHE A 423 -21.40 6.99 6.82
CA PHE A 423 -20.46 7.00 7.92
C PHE A 423 -21.12 7.60 9.17
N PRO A 424 -20.95 6.99 10.34
CA PRO A 424 -21.64 7.47 11.54
C PRO A 424 -20.91 8.61 12.21
N VAL A 425 -21.12 9.83 11.75
CA VAL A 425 -20.60 11.01 12.43
C VAL A 425 -21.33 11.20 13.75
N PRO A 426 -20.64 11.31 14.89
CA PRO A 426 -21.33 11.26 16.19
C PRO A 426 -21.87 12.57 16.71
N TYR A 427 -21.69 13.69 16.00
CA TYR A 427 -22.23 14.98 16.44
C TYR A 427 -22.91 15.65 15.26
N ASP A 428 -23.62 16.74 15.56
CA ASP A 428 -24.51 17.37 14.59
C ASP A 428 -23.76 18.22 13.57
N LEU A 429 -24.24 18.18 12.31
CA LEU A 429 -23.80 19.06 11.25
C LEU A 429 -24.96 19.88 10.71
N PRO A 430 -24.73 21.15 10.31
CA PRO A 430 -23.48 21.93 10.42
C PRO A 430 -23.20 22.28 11.87
N PRO A 431 -21.94 22.45 12.24
CA PRO A 431 -21.65 22.96 13.59
C PRO A 431 -22.19 24.38 13.76
N GLU A 432 -22.57 24.68 15.02
CA GLU A 432 -23.20 25.95 15.37
C GLU A 432 -22.14 26.84 16.00
N LEU A 433 -21.93 28.02 15.41
CA LEU A 433 -20.99 28.99 15.94
C LEU A 433 -21.37 29.41 17.36
N TYR A 434 -20.36 29.65 18.21
CA TYR A 434 -20.65 30.30 19.49
C TYR A 434 -21.49 31.56 19.29
N GLY A 435 -22.38 31.82 20.24
CA GLY A 435 -23.05 33.10 20.28
C GLY A 435 -22.17 34.14 20.95
N SER A 436 -22.60 35.41 20.86
CA SER A 436 -21.80 36.50 21.40
C SER A 436 -21.59 36.38 22.91
N LYS A 437 -22.49 35.71 23.62
CA LYS A 437 -22.32 35.54 25.05
C LYS A 437 -21.61 34.25 25.43
N ASP A 438 -21.34 33.37 24.47
CA ASP A 438 -20.61 32.15 24.77
C ASP A 438 -19.14 32.44 24.93
N ARG A 439 -18.48 31.61 25.72
CA ARG A 439 -17.04 31.64 25.93
C ARG A 439 -16.51 30.21 25.90
N PRO A 440 -15.28 30.00 25.44
CA PRO A 440 -14.71 28.65 25.51
C PRO A 440 -14.56 28.22 26.95
N TRP A 441 -14.74 26.92 27.19
CA TRP A 441 -14.44 26.41 28.52
C TRP A 441 -12.96 26.59 28.84
N ILE A 442 -12.67 27.29 29.92
CA ILE A 442 -11.32 27.50 30.43
C ILE A 442 -11.31 26.95 31.83
N TRP A 443 -10.42 25.97 32.09
N TRP A 443 -10.47 25.93 32.09
CA TRP A 443 -10.61 25.08 33.23
CA TRP A 443 -10.67 25.11 33.29
C TRP A 443 -10.04 25.60 34.54
C TRP A 443 -10.25 25.81 34.57
N ASN A 444 -9.24 26.69 34.53
CA ASN A 444 -8.64 27.19 35.76
C ASN A 444 -9.08 28.61 36.13
N ILE A 445 -10.31 28.98 35.79
CA ILE A 445 -10.94 30.18 36.36
C ILE A 445 -12.29 29.77 36.94
N PRO A 446 -12.80 30.53 37.90
CA PRO A 446 -14.08 30.14 38.50
C PRO A 446 -15.28 30.51 37.66
N TYR A 447 -16.35 29.74 37.84
CA TYR A 447 -17.67 30.02 37.30
C TYR A 447 -18.67 29.94 38.45
N VAL A 448 -19.21 31.08 38.83
CA VAL A 448 -20.06 31.14 40.02
C VAL A 448 -21.33 31.93 39.72
N LYS A 449 -21.62 32.15 38.44
CA LYS A 449 -22.80 32.94 38.08
C LYS A 449 -24.06 32.09 38.00
N ALA A 450 -23.94 30.85 37.55
CA ALA A 450 -25.09 29.97 37.38
C ALA A 450 -24.65 28.56 37.76
N PRO A 451 -25.47 27.82 38.49
CA PRO A 451 -25.07 26.48 38.96
C PRO A 451 -25.21 25.43 37.88
N ASP A 452 -24.45 24.33 38.03
CA ASP A 452 -24.51 23.26 37.04
C ASP A 452 -25.67 22.32 37.36
N THR A 453 -25.72 21.18 36.64
CA THR A 453 -26.81 20.22 36.81
C THR A 453 -26.82 19.53 38.16
N HIS A 454 -25.76 19.64 38.95
CA HIS A 454 -25.77 19.08 40.30
C HIS A 454 -25.91 20.14 41.37
N GLY A 455 -26.15 21.38 40.97
CA GLY A 455 -26.34 22.45 41.93
C GLY A 455 -25.08 23.16 42.38
N ASN A 456 -23.94 22.92 41.73
CA ASN A 456 -22.65 23.41 42.20
C ASN A 456 -22.08 24.47 41.28
N MET A 457 -21.14 25.24 41.83
CA MET A 457 -20.32 26.16 41.07
C MET A 457 -18.97 25.50 40.80
N TRP A 458 -18.08 26.24 40.15
CA TRP A 458 -16.74 25.77 39.79
C TRP A 458 -15.73 26.73 40.39
N VAL A 459 -15.00 26.27 41.40
CA VAL A 459 -14.03 27.10 42.13
C VAL A 459 -12.69 26.36 42.22
N PRO A 460 -11.83 26.48 41.20
CA PRO A 460 -10.51 25.83 41.11
C PRO A 460 -9.60 26.12 42.29
N ASN B 15 4.51 -24.03 -4.18
CA ASN B 15 4.99 -22.66 -4.29
C ASN B 15 3.91 -21.64 -3.97
N PRO B 16 4.30 -20.51 -3.40
CA PRO B 16 3.42 -19.33 -3.41
C PRO B 16 3.66 -18.43 -4.60
N PHE B 17 4.67 -18.69 -5.43
CA PHE B 17 5.07 -17.63 -6.34
C PHE B 17 4.28 -17.64 -7.63
N GLN B 18 3.79 -18.82 -8.05
CA GLN B 18 3.00 -18.94 -9.29
C GLN B 18 3.75 -18.37 -10.49
N PHE B 19 5.06 -18.65 -10.51
CA PHE B 19 5.94 -18.32 -11.61
C PHE B 19 6.23 -19.61 -12.36
N TYR B 20 5.97 -19.59 -13.66
CA TYR B 20 6.04 -20.79 -14.48
C TYR B 20 6.88 -20.52 -15.71
N LEU B 21 7.45 -21.61 -16.24
CA LEU B 21 8.01 -21.58 -17.59
C LEU B 21 7.06 -22.21 -18.58
N THR B 22 7.18 -21.82 -19.84
CA THR B 22 6.38 -22.49 -20.83
C THR B 22 6.98 -23.86 -21.16
N ARG B 23 6.12 -24.74 -21.63
CA ARG B 23 6.56 -26.06 -22.09
C ARG B 23 7.54 -25.96 -23.25
N VAL B 24 8.56 -26.82 -23.26
CA VAL B 24 9.55 -26.86 -24.33
C VAL B 24 9.49 -28.24 -24.98
N SER B 25 9.19 -28.25 -26.28
CA SER B 25 9.20 -29.50 -27.02
C SER B 25 10.63 -29.99 -27.18
N GLY B 26 10.86 -31.26 -26.90
CA GLY B 26 12.15 -31.85 -27.14
C GLY B 26 13.11 -31.92 -25.97
N VAL B 27 12.67 -31.56 -24.78
CA VAL B 27 13.41 -31.87 -23.56
C VAL B 27 12.69 -33.01 -22.85
N LYS B 28 13.42 -33.70 -21.97
CA LYS B 28 12.83 -34.79 -21.20
C LYS B 28 11.59 -34.32 -20.46
N PRO B 29 10.59 -35.19 -20.30
CA PRO B 29 9.35 -34.77 -19.62
C PRO B 29 9.56 -34.20 -18.22
N LYS B 30 10.61 -34.61 -17.51
CA LYS B 30 10.82 -34.07 -16.15
C LYS B 30 11.09 -32.59 -16.18
N TYR B 31 11.58 -32.05 -17.29
CA TYR B 31 11.78 -30.63 -17.45
C TYR B 31 10.54 -29.88 -17.93
N ASN B 32 9.41 -30.57 -18.09
CA ASN B 32 8.15 -29.91 -18.41
C ASN B 32 7.06 -30.14 -17.37
N SER B 33 7.32 -30.91 -16.31
CA SER B 33 6.21 -31.29 -15.43
C SER B 33 5.62 -30.09 -14.70
N GLY B 34 6.46 -29.15 -14.28
CA GLY B 34 5.90 -27.92 -13.76
C GLY B 34 5.60 -26.83 -14.77
N ALA B 35 5.77 -27.07 -16.07
CA ALA B 35 5.64 -26.02 -17.07
C ALA B 35 4.22 -25.95 -17.61
N LEU B 36 3.92 -24.84 -18.29
CA LEU B 36 2.58 -24.58 -18.82
C LEU B 36 2.64 -24.31 -20.32
N HIS B 37 1.76 -24.97 -21.07
CA HIS B 37 1.48 -24.59 -22.44
C HIS B 37 0.27 -23.64 -22.46
N ILE B 38 0.13 -22.90 -23.55
CA ILE B 38 -1.01 -21.98 -23.61
C ILE B 38 -2.32 -22.74 -23.52
N LYS B 39 -2.37 -23.96 -24.06
CA LYS B 39 -3.58 -24.76 -23.92
C LYS B 39 -3.90 -25.04 -22.45
N ASP B 40 -2.87 -25.21 -21.61
CA ASP B 40 -3.14 -25.44 -20.20
C ASP B 40 -3.74 -24.19 -19.58
N ILE B 41 -3.22 -23.02 -19.94
CA ILE B 41 -3.70 -21.79 -19.33
C ILE B 41 -5.18 -21.58 -19.63
N LEU B 42 -5.60 -21.91 -20.86
CA LEU B 42 -6.96 -21.66 -21.31
C LEU B 42 -7.92 -22.82 -21.03
N SER B 43 -7.43 -23.91 -20.43
N SER B 43 -7.43 -23.91 -20.44
CA SER B 43 -8.25 -25.10 -20.22
CA SER B 43 -8.27 -25.09 -20.25
C SER B 43 -9.42 -24.79 -19.28
C SER B 43 -9.43 -24.79 -19.31
N PRO B 44 -10.52 -25.53 -19.39
N PRO B 44 -10.54 -25.54 -19.41
CA PRO B 44 -11.65 -25.34 -18.46
CA PRO B 44 -11.65 -25.34 -18.47
C PRO B 44 -11.29 -25.67 -17.02
C PRO B 44 -11.28 -25.65 -17.02
N LEU B 45 -10.17 -26.33 -16.78
CA LEU B 45 -9.69 -26.55 -15.42
C LEU B 45 -9.36 -25.23 -14.73
N PHE B 46 -8.98 -24.21 -15.50
CA PHE B 46 -8.66 -22.90 -14.95
C PHE B 46 -9.89 -22.02 -14.71
N GLY B 47 -11.03 -22.39 -15.27
CA GLY B 47 -12.25 -21.62 -15.13
C GLY B 47 -13.12 -21.78 -16.36
N THR B 48 -14.39 -21.37 -16.23
CA THR B 48 -15.37 -21.48 -17.30
C THR B 48 -15.43 -20.14 -18.03
N LEU B 49 -14.73 -20.05 -19.16
CA LEU B 49 -14.42 -18.77 -19.77
C LEU B 49 -15.68 -18.08 -20.32
N VAL B 50 -15.82 -16.80 -20.00
CA VAL B 50 -16.89 -15.97 -20.52
C VAL B 50 -16.41 -15.01 -21.58
N SER B 51 -15.20 -14.48 -21.46
CA SER B 51 -14.62 -13.44 -22.30
C SER B 51 -13.13 -13.37 -21.98
N SER B 52 -12.34 -12.89 -22.95
CA SER B 52 -10.92 -12.74 -22.67
C SER B 52 -10.35 -11.58 -23.47
N ALA B 53 -9.22 -11.08 -23.00
CA ALA B 53 -8.44 -10.03 -23.64
C ALA B 53 -7.03 -10.55 -23.77
N GLN B 54 -6.46 -10.44 -24.97
CA GLN B 54 -5.08 -10.83 -25.22
C GLN B 54 -4.28 -9.59 -25.61
N PHE B 55 -3.46 -9.14 -24.69
CA PHE B 55 -2.50 -8.07 -24.95
C PHE B 55 -1.26 -8.72 -25.54
N ASN B 56 -0.80 -8.22 -26.69
CA ASN B 56 0.46 -8.78 -27.17
C ASN B 56 1.06 -7.88 -28.24
N TYR B 57 2.17 -8.37 -28.82
CA TYR B 57 2.84 -7.71 -29.92
C TYR B 57 2.50 -8.39 -31.24
N CYS B 58 2.76 -9.69 -31.36
N CYS B 58 2.83 -9.68 -31.37
CA CYS B 58 2.58 -10.47 -32.59
CA CYS B 58 2.58 -10.51 -32.54
C CYS B 58 1.51 -11.53 -32.35
C CYS B 58 1.40 -11.44 -32.28
N PHE B 59 0.58 -11.65 -33.30
CA PHE B 59 -0.56 -12.57 -33.23
C PHE B 59 -0.61 -13.46 -34.47
N ASP B 60 -0.82 -14.75 -34.27
CA ASP B 60 -1.32 -15.64 -35.34
C ASP B 60 -2.74 -16.03 -34.93
N VAL B 61 -3.74 -15.36 -35.52
CA VAL B 61 -5.10 -15.49 -35.01
C VAL B 61 -5.62 -16.91 -35.21
N ASP B 62 -5.35 -17.51 -36.37
N ASP B 62 -5.35 -17.51 -36.37
CA ASP B 62 -5.78 -18.89 -36.58
CA ASP B 62 -5.77 -18.89 -36.61
C ASP B 62 -5.19 -19.80 -35.52
C ASP B 62 -5.18 -19.82 -35.55
N TRP B 63 -3.90 -19.66 -35.23
CA TRP B 63 -3.28 -20.48 -34.21
C TRP B 63 -3.87 -20.18 -32.84
N LEU B 64 -4.09 -18.90 -32.56
CA LEU B 64 -4.56 -18.49 -31.23
C LEU B 64 -5.90 -19.14 -30.90
N VAL B 65 -6.84 -19.11 -31.85
CA VAL B 65 -8.17 -19.62 -31.58
C VAL B 65 -8.13 -21.12 -31.29
N LYS B 66 -7.26 -21.85 -31.98
CA LYS B 66 -7.11 -23.28 -31.73
C LYS B 66 -6.46 -23.60 -30.38
N GLN B 67 -5.90 -22.61 -29.67
CA GLN B 67 -5.38 -22.87 -28.33
C GLN B 67 -6.47 -22.82 -27.28
N TYR B 68 -7.57 -22.13 -27.56
CA TYR B 68 -8.73 -22.16 -26.68
C TYR B 68 -9.43 -23.50 -26.78
N PRO B 69 -9.98 -24.02 -25.67
CA PRO B 69 -10.83 -25.22 -25.75
C PRO B 69 -11.93 -25.03 -26.77
N PRO B 70 -12.34 -26.08 -27.47
CA PRO B 70 -13.38 -25.90 -28.50
C PRO B 70 -14.65 -25.27 -27.97
N GLU B 71 -15.03 -25.60 -26.72
CA GLU B 71 -16.23 -25.04 -26.11
C GLU B 71 -16.13 -23.53 -25.89
N PHE B 72 -14.92 -22.96 -25.81
CA PHE B 72 -14.74 -21.54 -25.53
C PHE B 72 -14.39 -20.74 -26.77
N ARG B 73 -14.26 -21.38 -27.94
CA ARG B 73 -13.65 -20.71 -29.08
C ARG B 73 -14.50 -19.60 -29.69
N LYS B 74 -15.77 -19.50 -29.36
CA LYS B 74 -16.57 -18.39 -29.86
C LYS B 74 -16.91 -17.34 -28.80
N LYS B 75 -16.35 -17.46 -27.58
CA LYS B 75 -16.48 -16.37 -26.61
C LYS B 75 -15.74 -15.13 -27.12
N PRO B 76 -16.16 -13.95 -26.70
CA PRO B 76 -15.52 -12.72 -27.19
C PRO B 76 -14.04 -12.67 -26.82
N ILE B 77 -13.24 -12.22 -27.79
CA ILE B 77 -11.80 -12.04 -27.60
C ILE B 77 -11.45 -10.62 -28.06
N LEU B 78 -10.76 -9.89 -27.21
CA LEU B 78 -10.20 -8.59 -27.54
C LEU B 78 -8.70 -8.73 -27.78
N LEU B 79 -8.23 -8.38 -28.97
CA LEU B 79 -6.80 -8.35 -29.24
C LEU B 79 -6.32 -6.92 -29.04
N VAL B 80 -5.42 -6.71 -28.08
CA VAL B 80 -4.85 -5.40 -27.83
C VAL B 80 -3.45 -5.37 -28.43
N HIS B 81 -3.25 -4.52 -29.43
CA HIS B 81 -2.05 -4.55 -30.27
C HIS B 81 -1.57 -3.13 -30.52
N GLY B 82 -0.42 -3.00 -31.20
CA GLY B 82 0.08 -1.66 -31.52
C GLY B 82 0.30 -1.36 -33.00
N ASP B 83 -0.20 -2.23 -33.88
CA ASP B 83 0.10 -2.13 -35.31
C ASP B 83 -0.55 -0.91 -35.95
N LYS B 84 0.11 -0.39 -37.00
CA LYS B 84 -0.35 0.75 -37.78
C LYS B 84 -0.35 0.40 -39.25
N ARG B 85 -1.08 1.23 -40.02
CA ARG B 85 -0.99 1.28 -41.48
C ARG B 85 -1.27 -0.11 -42.04
N GLU B 86 -0.42 -0.64 -42.93
CA GLU B 86 -0.66 -1.94 -43.54
C GLU B 86 -0.54 -3.08 -42.54
N ALA B 87 0.36 -2.93 -41.55
CA ALA B 87 0.43 -3.95 -40.50
C ALA B 87 -0.91 -4.08 -39.78
N LYS B 88 -1.56 -2.95 -39.51
CA LYS B 88 -2.87 -3.00 -38.85
C LYS B 88 -3.92 -3.63 -39.75
N ALA B 89 -3.93 -3.29 -41.05
CA ALA B 89 -4.86 -3.94 -41.97
C ALA B 89 -4.66 -5.45 -41.98
N HIS B 90 -3.41 -5.91 -41.97
CA HIS B 90 -3.16 -7.35 -42.02
C HIS B 90 -3.73 -8.06 -40.79
N LEU B 91 -3.62 -7.44 -39.61
CA LEU B 91 -4.16 -8.08 -38.41
C LEU B 91 -5.68 -8.15 -38.45
N HIS B 92 -6.34 -7.05 -38.85
CA HIS B 92 -7.78 -7.08 -39.06
C HIS B 92 -8.21 -8.17 -40.03
N ALA B 93 -7.45 -8.38 -41.11
CA ALA B 93 -7.77 -9.45 -42.05
C ALA B 93 -7.60 -10.83 -41.41
N GLN B 94 -6.64 -10.97 -40.50
CA GLN B 94 -6.51 -12.23 -39.77
C GLN B 94 -7.74 -12.52 -38.92
N ALA B 95 -8.27 -11.50 -38.26
CA ALA B 95 -9.38 -11.68 -37.34
C ALA B 95 -10.74 -11.66 -38.03
N LYS B 96 -10.80 -11.19 -39.28
CA LYS B 96 -12.07 -11.09 -40.02
C LYS B 96 -12.90 -12.37 -39.99
N PRO B 97 -12.35 -13.57 -40.20
CA PRO B 97 -13.18 -14.78 -40.15
C PRO B 97 -13.85 -15.06 -38.82
N TYR B 98 -13.38 -14.46 -37.71
CA TYR B 98 -13.91 -14.73 -36.37
C TYR B 98 -14.68 -13.50 -35.88
N GLU B 99 -16.02 -13.59 -35.98
CA GLU B 99 -16.88 -12.47 -35.63
C GLU B 99 -16.86 -12.16 -34.15
N ASN B 100 -16.36 -13.09 -33.32
CA ASN B 100 -16.26 -12.87 -31.87
C ASN B 100 -15.00 -12.11 -31.47
N ILE B 101 -14.15 -11.76 -32.43
CA ILE B 101 -12.88 -11.13 -32.13
C ILE B 101 -12.97 -9.65 -32.44
N SER B 102 -12.71 -8.82 -31.43
CA SER B 102 -12.57 -7.38 -31.55
C SER B 102 -11.12 -6.99 -31.37
N LEU B 103 -10.78 -5.79 -31.84
CA LEU B 103 -9.41 -5.28 -31.82
C LEU B 103 -9.34 -3.93 -31.13
N CYS B 104 -8.25 -3.69 -30.41
CA CYS B 104 -7.96 -2.40 -29.81
C CYS B 104 -6.54 -2.02 -30.22
N GLN B 105 -6.40 -0.92 -30.94
CA GLN B 105 -5.08 -0.43 -31.35
C GLN B 105 -4.58 0.55 -30.30
N ALA B 106 -3.57 0.12 -29.53
CA ALA B 106 -2.99 1.00 -28.54
C ALA B 106 -2.33 2.19 -29.22
N LYS B 107 -2.58 3.39 -28.69
CA LYS B 107 -1.98 4.57 -29.28
C LYS B 107 -0.48 4.61 -29.01
N LEU B 108 0.29 4.89 -30.06
CA LEU B 108 1.75 4.99 -29.99
C LEU B 108 2.16 6.35 -30.56
N ASP B 109 1.89 7.39 -29.77
CA ASP B 109 2.04 8.77 -30.22
C ASP B 109 3.47 9.29 -30.11
N ILE B 110 4.40 8.46 -29.66
CA ILE B 110 5.82 8.78 -29.67
C ILE B 110 6.49 7.88 -30.68
N ALA B 111 7.38 8.45 -31.49
CA ALA B 111 7.98 7.69 -32.57
C ALA B 111 8.77 6.50 -32.03
N PHE B 112 8.86 5.45 -32.85
CA PHE B 112 9.70 4.27 -32.60
C PHE B 112 9.30 3.51 -31.34
N GLY B 113 8.03 3.60 -30.92
CA GLY B 113 7.53 2.85 -29.80
C GLY B 113 6.65 1.70 -30.27
N THR B 114 6.62 0.63 -29.48
CA THR B 114 5.78 -0.50 -29.82
C THR B 114 4.97 -0.97 -28.61
N HIS B 115 4.01 -1.84 -28.90
CA HIS B 115 3.17 -2.41 -27.85
C HIS B 115 3.70 -3.80 -27.55
N HIS B 116 4.51 -3.92 -26.50
CA HIS B 116 5.18 -5.18 -26.18
C HIS B 116 4.51 -5.96 -25.07
N THR B 117 3.64 -5.33 -24.27
CA THR B 117 2.99 -5.99 -23.15
C THR B 117 2.33 -7.29 -23.55
N LYS B 118 2.57 -8.34 -22.76
CA LYS B 118 1.98 -9.66 -23.00
C LYS B 118 1.17 -10.01 -21.77
N MET B 119 -0.15 -9.94 -21.91
CA MET B 119 -1.02 -10.13 -20.76
C MET B 119 -2.30 -10.78 -21.24
N MET B 120 -2.83 -11.69 -20.43
CA MET B 120 -4.18 -12.20 -20.66
C MET B 120 -5.09 -11.75 -19.53
N LEU B 121 -6.27 -11.24 -19.89
CA LEU B 121 -7.35 -11.06 -18.93
C LEU B 121 -8.41 -12.11 -19.24
N LEU B 122 -8.74 -12.95 -18.25
CA LEU B 122 -9.59 -14.12 -18.45
C LEU B 122 -10.78 -14.01 -17.49
N LEU B 123 -11.95 -13.73 -18.03
CA LEU B 123 -13.18 -13.60 -17.24
C LEU B 123 -13.92 -14.92 -17.26
N TYR B 124 -14.17 -15.48 -16.08
CA TYR B 124 -14.87 -16.74 -15.93
C TYR B 124 -16.21 -16.53 -15.24
N GLU B 125 -17.05 -17.56 -15.30
CA GLU B 125 -18.23 -17.61 -14.45
C GLU B 125 -17.85 -17.58 -12.97
N GLU B 126 -16.68 -18.12 -12.64
CA GLU B 126 -16.26 -18.22 -11.26
C GLU B 126 -15.43 -17.03 -10.78
N GLY B 127 -15.05 -16.12 -11.67
CA GLY B 127 -14.21 -15.00 -11.26
C GLY B 127 -13.34 -14.51 -12.41
N LEU B 128 -12.16 -14.01 -12.04
CA LEU B 128 -11.26 -13.33 -12.97
C LEU B 128 -9.83 -13.81 -12.75
N ARG B 129 -9.08 -13.99 -13.83
CA ARG B 129 -7.66 -14.27 -13.71
C ARG B 129 -6.88 -13.32 -14.61
N VAL B 130 -5.69 -12.94 -14.15
CA VAL B 130 -4.76 -12.11 -14.89
C VAL B 130 -3.51 -12.95 -15.11
N VAL B 131 -3.02 -12.99 -16.35
CA VAL B 131 -1.80 -13.71 -16.70
C VAL B 131 -0.84 -12.71 -17.30
N ILE B 132 0.33 -12.54 -16.69
CA ILE B 132 1.34 -11.64 -17.26
C ILE B 132 2.53 -12.50 -17.64
N HIS B 133 2.96 -12.40 -18.89
CA HIS B 133 3.87 -13.43 -19.40
C HIS B 133 4.77 -12.80 -20.46
N THR B 134 5.57 -13.64 -21.15
CA THR B 134 6.57 -13.10 -22.06
C THR B 134 6.41 -13.58 -23.50
N SER B 135 5.39 -14.35 -23.85
CA SER B 135 5.32 -15.00 -25.17
C SER B 135 4.40 -14.26 -26.14
N ASN B 136 4.88 -14.12 -27.37
CA ASN B 136 3.99 -13.71 -28.44
C ASN B 136 2.96 -14.81 -28.70
N LEU B 137 1.88 -14.44 -29.38
CA LEU B 137 0.79 -15.39 -29.62
C LEU B 137 0.97 -16.03 -31.00
N ILE B 138 2.11 -16.71 -31.13
CA ILE B 138 2.48 -17.44 -32.33
C ILE B 138 3.08 -18.77 -31.90
N HIS B 139 3.02 -19.74 -32.81
CA HIS B 139 3.47 -21.09 -32.47
C HIS B 139 4.91 -21.11 -31.97
N ALA B 140 5.80 -20.39 -32.67
CA ALA B 140 7.23 -20.48 -32.36
C ALA B 140 7.54 -20.03 -30.94
N ASP B 141 6.80 -19.07 -30.39
CA ASP B 141 7.14 -18.58 -29.06
C ASP B 141 6.76 -19.56 -27.96
N TRP B 142 5.94 -20.57 -28.27
CA TRP B 142 5.54 -21.53 -27.26
C TRP B 142 6.09 -22.92 -27.56
N HIS B 143 7.04 -23.03 -28.50
CA HIS B 143 7.56 -24.33 -28.92
C HIS B 143 8.87 -24.69 -28.24
N GLN B 144 9.96 -23.98 -28.56
CA GLN B 144 11.27 -24.38 -28.03
C GLN B 144 12.01 -23.21 -27.38
N LYS B 145 11.29 -22.25 -26.81
CA LYS B 145 11.92 -21.10 -26.17
C LYS B 145 11.74 -21.19 -24.66
N THR B 146 12.62 -20.49 -23.95
CA THR B 146 12.42 -20.27 -22.51
C THR B 146 11.60 -19.01 -22.37
N GLN B 147 10.40 -19.16 -21.78
CA GLN B 147 9.45 -18.08 -21.60
C GLN B 147 8.95 -18.16 -20.16
N GLY B 148 8.47 -17.04 -19.63
CA GLY B 148 8.01 -16.96 -18.26
C GLY B 148 6.55 -16.53 -18.17
N ILE B 149 5.87 -16.97 -17.11
CA ILE B 149 4.44 -16.78 -16.92
C ILE B 149 4.21 -16.51 -15.45
N TRP B 150 3.47 -15.46 -15.13
CA TRP B 150 2.93 -15.27 -13.78
C TRP B 150 1.43 -15.49 -13.87
N LEU B 151 0.91 -16.40 -13.03
CA LEU B 151 -0.51 -16.69 -12.94
C LEU B 151 -1.10 -16.09 -11.68
N SER B 152 -2.09 -15.20 -11.85
CA SER B 152 -2.78 -14.66 -10.69
C SER B 152 -3.64 -15.72 -10.03
N PRO B 153 -4.05 -15.50 -8.78
CA PRO B 153 -5.10 -16.32 -8.18
C PRO B 153 -6.37 -16.17 -8.99
N LEU B 154 -7.31 -17.07 -8.74
CA LEU B 154 -8.71 -16.86 -9.15
C LEU B 154 -9.31 -15.76 -8.29
N TYR B 155 -9.61 -14.62 -8.90
CA TYR B 155 -10.16 -13.51 -8.14
C TYR B 155 -11.68 -13.65 -8.10
N PRO B 156 -12.30 -13.77 -6.93
CA PRO B 156 -13.76 -13.84 -6.86
C PRO B 156 -14.41 -12.49 -7.09
N ARG B 157 -15.68 -12.51 -7.48
CA ARG B 157 -16.42 -11.28 -7.63
C ARG B 157 -16.80 -10.72 -6.26
N ILE B 158 -16.78 -9.40 -6.15
CA ILE B 158 -17.33 -8.75 -4.97
C ILE B 158 -18.85 -8.77 -5.08
N ALA B 159 -19.52 -9.23 -4.03
CA ALA B 159 -20.98 -9.27 -4.03
C ALA B 159 -21.55 -7.89 -4.34
N ASP B 160 -22.52 -7.84 -5.26
CA ASP B 160 -23.18 -6.57 -5.55
C ASP B 160 -24.01 -6.14 -4.36
N GLY B 161 -23.98 -4.84 -4.06
CA GLY B 161 -24.44 -4.33 -2.78
C GLY B 161 -23.35 -4.24 -1.73
N THR B 162 -22.19 -4.83 -1.97
CA THR B 162 -21.06 -4.79 -1.05
C THR B 162 -20.07 -3.73 -1.52
N HIS B 163 -19.64 -2.87 -0.61
CA HIS B 163 -18.63 -1.84 -0.87
C HIS B 163 -17.32 -2.23 -0.18
N LYS B 164 -16.41 -2.84 -0.93
CA LYS B 164 -15.05 -3.07 -0.46
C LYS B 164 -14.09 -2.73 -1.59
N SER B 165 -12.82 -2.50 -1.23
CA SER B 165 -11.87 -2.13 -2.26
C SER B 165 -11.48 -3.30 -3.15
N GLY B 166 -11.43 -4.51 -2.58
CA GLY B 166 -10.78 -5.63 -3.26
C GLY B 166 -9.31 -5.43 -3.54
N GLU B 167 -8.65 -4.53 -2.78
CA GLU B 167 -7.28 -4.15 -3.06
C GLU B 167 -6.28 -5.03 -2.28
N SER B 168 -5.11 -5.26 -2.87
CA SER B 168 -4.07 -6.06 -2.23
C SER B 168 -3.07 -5.18 -1.50
N PRO B 169 -2.26 -5.76 -0.61
CA PRO B 169 -1.23 -4.93 0.04
C PRO B 169 -0.21 -4.37 -0.94
N THR B 170 -0.12 -4.92 -2.15
CA THR B 170 0.81 -4.42 -3.15
C THR B 170 0.17 -3.38 -4.07
N HIS B 171 -1.10 -3.03 -3.84
CA HIS B 171 -1.82 -2.05 -4.63
C HIS B 171 -2.03 -2.50 -6.08
N PHE B 172 -2.02 -3.81 -6.29
CA PHE B 172 -2.08 -4.36 -7.66
C PHE B 172 -3.35 -3.95 -8.40
N LYS B 173 -4.49 -3.94 -7.71
CA LYS B 173 -5.75 -3.64 -8.39
C LYS B 173 -5.75 -2.24 -8.96
N ALA B 174 -5.47 -1.24 -8.12
CA ALA B 174 -5.41 0.13 -8.62
C ALA B 174 -4.31 0.30 -9.65
N ASP B 175 -3.17 -0.37 -9.45
CA ASP B 175 -2.07 -0.21 -10.39
C ASP B 175 -2.39 -0.82 -11.75
N LEU B 176 -3.07 -1.96 -11.78
CA LEU B 176 -3.49 -2.53 -13.06
C LEU B 176 -4.50 -1.63 -13.75
N ILE B 177 -5.46 -1.07 -12.98
CA ILE B 177 -6.42 -0.15 -13.58
C ILE B 177 -5.71 1.07 -14.13
N SER B 178 -4.72 1.59 -13.39
N SER B 178 -4.73 1.59 -13.39
CA SER B 178 -3.97 2.75 -13.89
CA SER B 178 -3.96 2.74 -13.87
C SER B 178 -3.25 2.42 -15.19
C SER B 178 -3.25 2.42 -15.18
N TYR B 179 -2.69 1.21 -15.28
CA TYR B 179 -2.01 0.79 -16.50
C TYR B 179 -3.00 0.80 -17.68
N LEU B 180 -4.18 0.23 -17.45
CA LEU B 180 -5.18 0.17 -18.51
C LEU B 180 -5.76 1.55 -18.85
N MET B 181 -5.84 2.45 -17.87
N MET B 181 -5.85 2.45 -17.86
CA MET B 181 -6.35 3.80 -18.14
CA MET B 181 -6.34 3.80 -18.14
C MET B 181 -5.44 4.55 -19.09
C MET B 181 -5.44 4.55 -19.10
N ALA B 182 -4.14 4.24 -19.08
CA ALA B 182 -3.20 4.93 -19.96
C ALA B 182 -3.53 4.76 -21.44
N TYR B 183 -4.23 3.68 -21.80
CA TYR B 183 -4.60 3.47 -23.21
C TYR B 183 -5.69 4.44 -23.68
N ASN B 184 -6.54 4.93 -22.76
N ASN B 184 -6.52 4.95 -22.76
CA ASN B 184 -7.65 5.81 -23.13
CA ASN B 184 -7.66 5.81 -23.12
C ASN B 184 -8.55 5.14 -24.17
C ASN B 184 -8.53 5.14 -24.18
N ALA B 185 -8.84 3.87 -23.95
CA ALA B 185 -9.50 3.04 -24.94
C ALA B 185 -10.85 2.55 -24.44
N PRO B 186 -11.94 2.72 -25.20
CA PRO B 186 -13.24 2.28 -24.68
C PRO B 186 -13.36 0.80 -24.45
N SER B 187 -12.72 -0.06 -25.28
CA SER B 187 -12.79 -1.48 -24.99
C SER B 187 -12.06 -1.83 -23.70
N LEU B 188 -11.08 -1.01 -23.29
CA LEU B 188 -10.37 -1.32 -22.05
C LEU B 188 -11.07 -0.71 -20.87
N LYS B 189 -11.85 0.37 -21.05
CA LYS B 189 -12.67 0.81 -19.92
C LYS B 189 -13.63 -0.30 -19.50
N GLU B 190 -14.09 -1.10 -20.45
CA GLU B 190 -14.97 -2.22 -20.08
C GLU B 190 -14.23 -3.21 -19.20
N TRP B 191 -12.95 -3.47 -19.51
CA TRP B 191 -12.19 -4.40 -18.67
C TRP B 191 -11.86 -3.80 -17.33
N ILE B 192 -11.67 -2.48 -17.27
CA ILE B 192 -11.47 -1.81 -15.97
C ILE B 192 -12.69 -2.02 -15.10
N ASP B 193 -13.89 -1.89 -15.68
CA ASP B 193 -15.11 -2.05 -14.89
C ASP B 193 -15.25 -3.49 -14.42
N VAL B 194 -14.83 -4.45 -15.24
CA VAL B 194 -14.73 -5.85 -14.80
C VAL B 194 -13.81 -5.97 -13.60
N ILE B 195 -12.61 -5.41 -13.71
CA ILE B 195 -11.66 -5.52 -12.59
C ILE B 195 -12.23 -4.87 -11.34
N HIS B 196 -12.91 -3.73 -11.48
CA HIS B 196 -13.48 -3.08 -10.31
C HIS B 196 -14.38 -4.04 -9.53
N LYS B 197 -15.08 -4.92 -10.23
CA LYS B 197 -16.07 -5.78 -9.61
C LYS B 197 -15.46 -7.02 -8.95
N HIS B 198 -14.14 -7.19 -9.00
CA HIS B 198 -13.51 -8.39 -8.46
C HIS B 198 -12.57 -8.06 -7.30
N ASP B 199 -12.30 -9.08 -6.49
CA ASP B 199 -11.49 -8.97 -5.29
C ASP B 199 -10.10 -9.48 -5.61
N LEU B 200 -9.15 -8.54 -5.75
CA LEU B 200 -7.77 -8.86 -6.08
C LEU B 200 -6.86 -8.86 -4.86
N SER B 201 -7.44 -8.92 -3.67
CA SER B 201 -6.67 -8.68 -2.45
C SER B 201 -5.62 -9.75 -2.17
N GLU B 202 -5.72 -10.95 -2.78
CA GLU B 202 -4.71 -11.98 -2.52
C GLU B 202 -3.41 -11.76 -3.30
N THR B 203 -3.34 -10.71 -4.12
CA THR B 203 -2.20 -10.55 -5.03
C THR B 203 -0.97 -10.12 -4.24
N ASN B 204 0.13 -10.88 -4.40
N ASN B 204 0.15 -10.85 -4.38
CA ASN B 204 1.36 -10.65 -3.65
CA ASN B 204 1.34 -10.46 -3.63
C ASN B 204 2.49 -10.05 -4.49
C ASN B 204 2.53 -10.18 -4.54
N VAL B 205 2.26 -9.80 -5.78
CA VAL B 205 3.26 -9.18 -6.64
C VAL B 205 2.91 -7.73 -6.86
N TYR B 206 3.94 -6.93 -7.18
CA TYR B 206 3.81 -5.53 -7.59
C TYR B 206 3.83 -5.41 -9.10
N LEU B 207 2.97 -4.56 -9.64
CA LEU B 207 2.94 -4.34 -11.08
C LEU B 207 3.99 -3.32 -11.49
N ILE B 208 4.76 -3.60 -12.55
CA ILE B 208 5.68 -2.61 -13.09
C ILE B 208 5.40 -2.47 -14.58
N GLY B 209 4.78 -1.36 -14.96
CA GLY B 209 4.49 -1.11 -16.36
C GLY B 209 5.26 0.04 -16.94
N SER B 210 5.30 0.06 -18.28
CA SER B 210 5.68 1.23 -19.04
C SER B 210 4.54 1.56 -19.99
N THR B 211 4.34 2.85 -20.21
N THR B 211 4.27 2.85 -20.15
CA THR B 211 3.38 3.35 -21.17
CA THR B 211 3.38 3.31 -21.20
C THR B 211 4.01 4.55 -21.86
C THR B 211 4.04 4.49 -21.88
N PRO B 212 3.70 4.77 -23.14
CA PRO B 212 4.34 5.89 -23.84
C PRO B 212 4.00 7.22 -23.23
N GLY B 213 5.00 8.07 -23.08
CA GLY B 213 4.76 9.41 -22.60
C GLY B 213 6.03 10.11 -22.17
N ARG B 214 5.82 11.38 -21.78
N ARG B 214 5.83 11.37 -21.77
CA ARG B 214 6.87 12.22 -21.20
CA ARG B 214 6.88 12.21 -21.19
C ARG B 214 6.36 12.63 -19.82
C ARG B 214 6.38 12.63 -19.83
N PHE B 215 6.88 11.97 -18.78
CA PHE B 215 6.36 12.11 -17.44
C PHE B 215 7.23 13.02 -16.58
N GLN B 216 6.59 13.92 -15.84
CA GLN B 216 7.26 14.80 -14.89
C GLN B 216 6.47 14.83 -13.60
N GLY B 217 7.05 15.46 -12.58
CA GLY B 217 6.36 15.74 -11.32
C GLY B 217 5.59 14.58 -10.71
N SER B 218 6.32 13.64 -10.12
CA SER B 218 5.79 12.47 -9.40
C SER B 218 5.19 11.44 -10.36
N GLN B 219 4.57 11.89 -11.46
CA GLN B 219 4.17 10.93 -12.50
C GLN B 219 5.36 10.15 -13.03
N LYS B 220 6.58 10.68 -12.85
CA LYS B 220 7.78 9.92 -13.21
C LYS B 220 7.85 8.60 -12.47
N ASP B 221 7.35 8.55 -11.24
CA ASP B 221 7.47 7.34 -10.45
C ASP B 221 6.46 6.28 -10.86
N ASN B 222 5.55 6.57 -11.80
CA ASN B 222 4.51 5.63 -12.19
C ASN B 222 5.01 4.51 -13.11
N TRP B 223 6.10 4.69 -13.85
CA TRP B 223 6.41 3.80 -14.97
C TRP B 223 7.89 3.50 -15.07
N GLY B 224 8.21 2.37 -15.69
CA GLY B 224 9.58 2.13 -16.13
C GLY B 224 10.55 1.98 -14.97
N HIS B 225 11.80 2.41 -15.19
CA HIS B 225 12.80 2.15 -14.15
C HIS B 225 12.60 3.06 -12.92
N PHE B 226 11.97 4.22 -13.06
CA PHE B 226 11.62 5.00 -11.86
C PHE B 226 10.54 4.31 -11.04
N ARG B 227 9.64 3.57 -11.69
CA ARG B 227 8.65 2.79 -10.95
C ARG B 227 9.33 1.68 -10.14
N LEU B 228 10.25 0.95 -10.76
CA LEU B 228 11.06 -0.03 -10.05
C LEU B 228 11.82 0.62 -8.89
N LYS B 229 12.46 1.76 -9.15
CA LYS B 229 13.20 2.44 -8.10
C LYS B 229 12.30 2.81 -6.91
N LYS B 230 11.09 3.32 -7.18
CA LYS B 230 10.18 3.70 -6.10
C LYS B 230 9.77 2.49 -5.27
N LEU B 231 9.46 1.37 -5.94
CA LEU B 231 9.10 0.16 -5.20
C LEU B 231 10.25 -0.34 -4.34
N LEU B 232 11.47 -0.29 -4.86
CA LEU B 232 12.64 -0.77 -4.11
C LEU B 232 12.93 0.14 -2.93
N LYS B 233 12.74 1.44 -3.11
CA LYS B 233 12.91 2.37 -2.01
C LYS B 233 11.85 2.15 -0.91
N ASP B 234 10.61 1.91 -1.31
CA ASP B 234 9.51 1.86 -0.33
C ASP B 234 9.31 0.50 0.33
N HIS B 235 9.72 -0.61 -0.33
CA HIS B 235 9.31 -1.94 0.09
C HIS B 235 10.46 -2.93 0.16
N ALA B 236 11.69 -2.48 -0.01
CA ALA B 236 12.83 -3.34 0.24
C ALA B 236 13.73 -2.62 1.22
N SER B 237 14.61 -3.38 1.85
CA SER B 237 15.51 -2.89 2.87
C SER B 237 16.94 -3.08 2.40
N SER B 238 17.81 -2.15 2.76
CA SER B 238 19.23 -2.30 2.45
C SER B 238 19.91 -3.14 3.52
N MET B 239 20.84 -3.98 3.11
CA MET B 239 21.59 -4.87 3.99
C MET B 239 23.05 -4.42 4.07
N PRO B 240 23.80 -4.91 5.04
CA PRO B 240 25.24 -4.60 5.06
C PRO B 240 25.88 -5.12 3.79
N ASN B 241 26.91 -4.40 3.33
CA ASN B 241 27.67 -4.80 2.15
C ASN B 241 26.77 -4.95 0.93
N ALA B 242 25.76 -4.08 0.83
CA ALA B 242 24.86 -4.12 -0.32
C ALA B 242 25.60 -3.88 -1.63
N GLU B 243 26.69 -3.10 -1.60
CA GLU B 243 27.48 -2.86 -2.80
C GLU B 243 28.03 -4.15 -3.39
N SER B 244 28.08 -5.22 -2.60
CA SER B 244 28.55 -6.51 -3.10
C SER B 244 27.44 -7.37 -3.68
N TRP B 245 26.17 -6.99 -3.50
CA TRP B 245 25.09 -7.76 -4.13
C TRP B 245 24.99 -7.36 -5.59
N PRO B 246 25.27 -8.28 -6.53
CA PRO B 246 25.18 -7.92 -7.95
C PRO B 246 23.78 -7.58 -8.40
N VAL B 247 23.72 -6.99 -9.58
CA VAL B 247 22.49 -6.80 -10.35
C VAL B 247 22.61 -7.70 -11.58
N VAL B 248 21.57 -8.49 -11.85
CA VAL B 248 21.54 -9.34 -13.05
C VAL B 248 20.40 -8.89 -13.95
N GLY B 249 20.68 -8.70 -15.23
CA GLY B 249 19.65 -8.41 -16.23
C GLY B 249 19.76 -9.44 -17.33
N GLN B 250 18.61 -9.93 -17.78
CA GLN B 250 18.58 -11.06 -18.72
C GLN B 250 17.48 -10.76 -19.72
N PHE B 251 17.79 -10.75 -21.03
CA PHE B 251 16.89 -10.15 -21.98
C PHE B 251 17.12 -10.78 -23.36
N SER B 252 16.25 -10.42 -24.32
CA SER B 252 16.34 -11.04 -25.65
C SER B 252 16.58 -10.01 -26.75
N SER B 253 16.76 -8.76 -26.39
CA SER B 253 17.01 -7.71 -27.37
C SER B 253 17.71 -6.57 -26.65
N VAL B 254 18.48 -5.81 -27.41
CA VAL B 254 19.31 -4.72 -26.91
C VAL B 254 19.04 -3.49 -27.77
N GLY B 255 18.71 -2.36 -27.13
CA GLY B 255 18.58 -1.10 -27.83
C GLY B 255 19.89 -0.33 -27.88
N SER B 256 19.84 0.86 -28.49
CA SER B 256 21.00 1.75 -28.54
C SER B 256 21.15 2.46 -27.19
N LEU B 257 22.23 2.16 -26.47
CA LEU B 257 22.38 2.64 -25.11
C LEU B 257 23.30 3.85 -24.97
N GLY B 258 23.99 4.24 -26.04
CA GLY B 258 24.87 5.40 -26.00
C GLY B 258 26.33 4.99 -26.17
N ALA B 259 27.19 6.01 -26.21
CA ALA B 259 28.59 5.81 -26.58
C ALA B 259 29.44 5.21 -25.46
N ASP B 260 28.96 5.22 -24.22
CA ASP B 260 29.62 4.55 -23.12
C ASP B 260 28.60 4.27 -22.03
N GLU B 261 29.02 3.55 -20.99
CA GLU B 261 28.10 3.12 -19.95
C GLU B 261 27.55 4.28 -19.12
N SER B 262 28.22 5.43 -19.14
CA SER B 262 27.76 6.57 -18.35
C SER B 262 26.59 7.30 -18.98
N LYS B 263 26.26 7.01 -20.24
CA LYS B 263 25.17 7.75 -20.89
C LYS B 263 23.81 7.34 -20.35
N TRP B 264 23.65 6.08 -19.93
CA TRP B 264 22.35 5.63 -19.48
C TRP B 264 22.45 4.35 -18.65
N LEU B 265 23.24 3.38 -19.13
CA LEU B 265 23.21 2.06 -18.54
C LEU B 265 23.62 2.08 -17.07
N CYS B 266 24.77 2.68 -16.76
CA CYS B 266 25.21 2.73 -15.38
C CYS B 266 24.80 4.03 -14.69
N SER B 267 24.46 5.07 -15.46
CA SER B 267 24.10 6.33 -14.85
C SER B 267 22.69 6.26 -14.25
N GLU B 268 21.68 5.95 -15.07
CA GLU B 268 20.33 5.96 -14.53
C GLU B 268 19.69 4.58 -14.43
N PHE B 269 19.94 3.68 -15.38
CA PHE B 269 19.32 2.35 -15.32
C PHE B 269 19.85 1.56 -14.13
N LYS B 270 21.18 1.41 -14.02
CA LYS B 270 21.77 0.68 -12.90
C LYS B 270 21.46 1.35 -11.57
N GLU B 271 21.44 2.69 -11.56
CA GLU B 271 21.16 3.41 -10.33
C GLU B 271 19.78 3.05 -9.79
N SER B 272 18.80 2.90 -10.68
CA SER B 272 17.48 2.46 -10.20
C SER B 272 17.54 1.02 -9.70
N MET B 273 18.20 0.14 -10.45
CA MET B 273 18.25 -1.30 -10.11
C MET B 273 18.98 -1.59 -8.80
N LEU B 274 19.90 -0.74 -8.39
CA LEU B 274 20.62 -1.04 -7.16
C LEU B 274 19.98 -0.38 -5.94
N THR B 275 18.86 0.31 -6.14
CA THR B 275 18.18 0.94 -5.00
C THR B 275 17.67 -0.12 -4.03
N LEU B 276 17.86 0.15 -2.74
CA LEU B 276 17.26 -0.68 -1.71
C LEU B 276 16.93 0.25 -0.55
N GLY B 277 15.67 0.34 -0.20
CA GLY B 277 15.30 1.09 0.99
C GLY B 277 15.38 2.60 0.79
N LYS B 278 15.15 3.31 1.90
CA LYS B 278 14.84 4.74 1.87
C LYS B 278 16.03 5.65 2.18
N GLU B 279 17.16 5.11 2.60
CA GLU B 279 18.28 5.98 2.93
C GLU B 279 19.13 6.26 1.69
N SER B 280 19.89 7.35 1.77
CA SER B 280 20.72 7.80 0.65
C SER B 280 21.96 6.94 0.50
N SER B 286 29.64 3.72 -8.49
CA SER B 286 29.12 2.56 -7.79
C SER B 286 29.93 1.30 -8.08
N SER B 287 30.19 0.52 -7.03
CA SER B 287 30.97 -0.71 -7.14
C SER B 287 30.12 -1.94 -7.46
N VAL B 288 28.79 -1.79 -7.51
CA VAL B 288 27.92 -2.96 -7.65
C VAL B 288 28.21 -3.66 -8.98
N PRO B 289 28.47 -4.97 -8.98
CA PRO B 289 28.69 -5.67 -10.26
C PRO B 289 27.39 -5.80 -11.05
N LEU B 290 27.51 -5.68 -12.36
CA LEU B 290 26.36 -5.79 -13.26
C LEU B 290 26.61 -6.92 -14.24
N TYR B 291 25.76 -7.96 -14.17
N TYR B 291 25.72 -7.91 -14.26
CA TYR B 291 25.78 -9.09 -15.10
CA TYR B 291 25.89 -9.07 -15.14
C TYR B 291 24.66 -8.91 -16.11
C TYR B 291 24.71 -9.17 -16.09
N LEU B 292 24.97 -9.04 -17.40
CA LEU B 292 23.94 -9.04 -18.43
C LEU B 292 24.00 -10.37 -19.14
N ILE B 293 22.88 -11.09 -19.19
CA ILE B 293 22.79 -12.41 -19.82
C ILE B 293 22.08 -12.28 -21.16
N TYR B 294 22.77 -12.63 -22.23
CA TYR B 294 22.25 -12.48 -23.57
C TYR B 294 22.91 -13.55 -24.42
N PRO B 295 22.16 -14.29 -25.23
CA PRO B 295 22.75 -15.42 -25.97
C PRO B 295 23.91 -15.03 -26.88
N SER B 296 24.98 -15.83 -26.81
CA SER B 296 26.06 -15.75 -27.78
C SER B 296 25.63 -16.38 -29.09
N VAL B 297 26.44 -16.15 -30.10
CA VAL B 297 26.22 -16.83 -31.39
C VAL B 297 26.24 -18.34 -31.19
N GLU B 298 27.19 -18.83 -30.40
N GLU B 298 27.21 -18.83 -30.42
CA GLU B 298 27.29 -20.28 -30.19
CA GLU B 298 27.30 -20.28 -30.18
C GLU B 298 26.09 -20.82 -29.42
C GLU B 298 26.07 -20.81 -29.46
N ASN B 299 25.56 -20.04 -28.47
CA ASN B 299 24.30 -20.43 -27.82
C ASN B 299 23.19 -20.64 -28.84
N VAL B 300 23.04 -19.69 -29.77
CA VAL B 300 21.98 -19.77 -30.78
C VAL B 300 22.25 -20.93 -31.75
N ARG B 301 23.51 -21.05 -32.22
CA ARG B 301 23.83 -22.03 -33.25
C ARG B 301 23.51 -23.46 -32.80
N THR B 302 23.77 -23.77 -31.51
CA THR B 302 23.57 -25.13 -31.02
C THR B 302 22.25 -25.28 -30.26
N SER B 303 21.30 -24.34 -30.42
CA SER B 303 20.04 -24.40 -29.71
C SER B 303 19.10 -25.43 -30.36
N LEU B 304 17.99 -25.71 -29.66
CA LEU B 304 16.99 -26.61 -30.22
C LEU B 304 16.49 -26.12 -31.57
N GLU B 305 16.35 -24.82 -31.71
CA GLU B 305 15.86 -24.24 -32.98
C GLU B 305 16.96 -24.02 -33.99
N GLY B 306 18.21 -23.91 -33.54
CA GLY B 306 19.29 -23.47 -34.38
C GLY B 306 19.22 -21.98 -34.65
N TYR B 307 19.82 -21.58 -35.78
CA TYR B 307 19.89 -20.15 -36.10
C TYR B 307 18.53 -19.46 -36.13
N PRO B 308 17.44 -20.11 -36.56
CA PRO B 308 16.13 -19.40 -36.50
C PRO B 308 15.72 -18.92 -35.12
N ALA B 309 16.28 -19.44 -34.02
CA ALA B 309 16.00 -18.83 -32.72
C ALA B 309 16.42 -17.37 -32.73
N GLY B 310 17.41 -17.03 -33.56
CA GLY B 310 17.91 -15.67 -33.66
C GLY B 310 16.97 -14.70 -34.32
N GLY B 311 15.94 -15.19 -35.01
CA GLY B 311 14.88 -14.31 -35.49
C GLY B 311 14.08 -13.69 -34.38
N SER B 312 14.19 -14.23 -33.16
CA SER B 312 13.55 -13.67 -31.98
C SER B 312 14.55 -13.06 -31.00
N LEU B 313 15.76 -12.76 -31.46
CA LEU B 313 16.78 -12.09 -30.66
C LEU B 313 17.24 -10.86 -31.44
N PRO B 314 16.43 -9.79 -31.45
CA PRO B 314 16.71 -8.66 -32.35
C PRO B 314 17.73 -7.73 -31.71
N TYR B 315 18.93 -7.81 -32.25
CA TYR B 315 20.04 -6.93 -31.91
C TYR B 315 20.73 -6.66 -33.24
N SER B 316 20.71 -5.42 -33.69
CA SER B 316 21.17 -5.08 -35.03
C SER B 316 22.65 -4.77 -35.05
N ILE B 317 23.30 -5.09 -36.17
CA ILE B 317 24.71 -4.79 -36.31
C ILE B 317 24.95 -3.28 -36.20
N GLN B 318 24.01 -2.48 -36.70
CA GLN B 318 24.18 -1.03 -36.70
C GLN B 318 24.21 -0.49 -35.27
N THR B 319 23.38 -1.04 -34.40
CA THR B 319 23.38 -0.65 -33.00
C THR B 319 24.60 -1.22 -32.27
N ALA B 320 24.92 -2.49 -32.52
CA ALA B 320 25.98 -3.16 -31.78
C ALA B 320 27.33 -2.50 -32.00
N GLU B 321 27.60 -2.06 -33.24
CA GLU B 321 28.93 -1.51 -33.53
C GLU B 321 29.14 -0.13 -32.92
N LYS B 322 28.07 0.55 -32.49
CA LYS B 322 28.23 1.81 -31.78
C LYS B 322 28.46 1.63 -30.29
N GLN B 323 28.42 0.40 -29.79
CA GLN B 323 28.44 0.20 -28.35
C GLN B 323 29.17 -1.10 -28.00
N ASN B 324 30.31 -1.34 -28.65
CA ASN B 324 31.11 -2.50 -28.33
C ASN B 324 31.54 -2.55 -26.86
N TRP B 325 31.62 -1.40 -26.18
CA TRP B 325 31.89 -1.37 -24.74
C TRP B 325 30.92 -2.25 -23.95
N LEU B 326 29.68 -2.40 -24.45
CA LEU B 326 28.65 -3.09 -23.69
C LEU B 326 28.92 -4.58 -23.58
N HIS B 327 29.62 -5.15 -24.56
CA HIS B 327 29.70 -6.60 -24.63
C HIS B 327 30.65 -7.17 -23.59
N SER B 328 31.46 -6.35 -22.94
N SER B 328 31.47 -6.35 -22.95
CA SER B 328 32.26 -6.81 -21.80
CA SER B 328 32.26 -6.80 -21.81
C SER B 328 31.39 -7.16 -20.61
C SER B 328 31.39 -7.14 -20.60
N TYR B 329 30.12 -6.76 -20.60
CA TYR B 329 29.19 -7.12 -19.54
C TYR B 329 28.45 -8.42 -19.81
N PHE B 330 28.63 -9.01 -20.99
CA PHE B 330 27.73 -10.05 -21.45
C PHE B 330 28.14 -11.42 -20.94
N HIS B 331 27.14 -12.20 -20.56
CA HIS B 331 27.28 -13.56 -20.07
C HIS B 331 26.37 -14.50 -20.87
N LYS B 332 26.84 -15.73 -21.05
CA LYS B 332 26.15 -16.73 -21.85
C LYS B 332 24.79 -17.10 -21.25
N TRP B 333 23.91 -17.62 -22.11
CA TRP B 333 22.69 -18.27 -21.64
C TRP B 333 23.03 -19.68 -21.18
N SER B 334 22.74 -19.99 -19.93
CA SER B 334 22.90 -21.34 -19.43
C SER B 334 21.72 -21.60 -18.49
N ALA B 335 21.07 -22.74 -18.64
CA ALA B 335 19.88 -23.02 -17.82
C ALA B 335 19.81 -24.52 -17.52
N GLU B 336 20.93 -25.09 -17.08
CA GLU B 336 20.90 -26.49 -16.68
C GLU B 336 19.87 -26.72 -15.59
N THR B 337 19.68 -25.73 -14.71
CA THR B 337 18.74 -25.87 -13.61
C THR B 337 17.34 -26.26 -14.08
N SER B 338 16.93 -25.78 -15.27
CA SER B 338 15.59 -26.06 -15.78
C SER B 338 15.64 -26.86 -17.08
N GLY B 339 16.78 -27.45 -17.38
CA GLY B 339 16.91 -28.25 -18.60
C GLY B 339 16.79 -27.43 -19.88
N ARG B 340 17.07 -26.14 -19.81
CA ARG B 340 16.72 -25.24 -20.91
C ARG B 340 17.92 -24.50 -21.51
N SER B 341 19.14 -25.04 -21.36
CA SER B 341 20.29 -24.34 -21.94
C SER B 341 20.16 -24.21 -23.45
N ASN B 342 19.45 -25.13 -24.10
CA ASN B 342 19.29 -25.09 -25.56
C ASN B 342 17.96 -24.50 -25.99
N ALA B 343 17.13 -24.05 -25.04
CA ALA B 343 15.87 -23.36 -25.34
C ALA B 343 16.12 -21.87 -25.22
N MET B 344 16.26 -21.19 -26.36
CA MET B 344 16.72 -19.81 -26.31
C MET B 344 15.74 -18.92 -25.53
N PRO B 345 16.26 -17.94 -24.80
CA PRO B 345 15.41 -17.11 -23.93
C PRO B 345 14.64 -16.07 -24.72
N HIS B 346 13.33 -16.08 -24.55
CA HIS B 346 12.48 -14.94 -24.88
C HIS B 346 11.87 -14.35 -23.62
N ILE B 347 12.09 -15.00 -22.48
CA ILE B 347 11.80 -14.38 -21.19
C ILE B 347 12.74 -13.19 -20.98
N LYS B 348 12.29 -12.23 -20.15
N LYS B 348 12.30 -12.24 -20.15
CA LYS B 348 13.17 -11.17 -19.66
CA LYS B 348 13.17 -11.18 -19.66
C LYS B 348 13.03 -11.14 -18.15
C LYS B 348 13.03 -11.13 -18.15
N THR B 349 14.16 -11.09 -17.46
CA THR B 349 14.17 -11.08 -16.00
C THR B 349 15.26 -10.16 -15.49
N TYR B 350 15.05 -9.61 -14.28
CA TYR B 350 16.02 -8.76 -13.60
C TYR B 350 15.95 -9.14 -12.13
N MET B 351 17.09 -9.21 -11.46
CA MET B 351 17.08 -9.66 -10.08
C MET B 351 18.35 -9.18 -9.38
N ARG B 352 18.36 -9.36 -8.05
CA ARG B 352 19.41 -8.80 -7.20
C ARG B 352 19.93 -9.91 -6.29
N PRO B 353 20.84 -10.75 -6.79
CA PRO B 353 21.35 -11.85 -5.96
C PRO B 353 22.36 -11.38 -4.92
N SER B 354 22.57 -12.25 -3.92
CA SER B 354 23.62 -12.07 -2.92
C SER B 354 25.00 -12.33 -3.53
N PRO B 355 26.08 -11.97 -2.84
CA PRO B 355 27.41 -12.14 -3.44
C PRO B 355 27.74 -13.58 -3.85
N ASP B 356 27.21 -14.57 -3.14
CA ASP B 356 27.41 -15.96 -3.50
C ASP B 356 26.24 -16.55 -4.27
N PHE B 357 25.28 -15.72 -4.70
CA PHE B 357 24.15 -16.12 -5.55
C PHE B 357 23.23 -17.14 -4.89
N SER B 358 23.24 -17.22 -3.56
CA SER B 358 22.40 -18.20 -2.90
C SER B 358 21.07 -17.62 -2.49
N LYS B 359 20.95 -16.29 -2.49
CA LYS B 359 19.71 -15.61 -2.16
C LYS B 359 19.49 -14.49 -3.16
N ILE B 360 18.25 -13.98 -3.22
CA ILE B 360 17.97 -12.80 -4.02
C ILE B 360 17.14 -11.81 -3.20
N ALA B 361 17.39 -10.52 -3.43
CA ALA B 361 16.62 -9.47 -2.76
C ALA B 361 15.31 -9.16 -3.46
N TRP B 362 15.17 -9.51 -4.74
CA TRP B 362 13.95 -9.34 -5.49
C TRP B 362 14.16 -10.00 -6.86
N PHE B 363 13.04 -10.21 -7.55
CA PHE B 363 13.03 -10.81 -8.87
C PHE B 363 11.91 -10.16 -9.67
N LEU B 364 12.19 -9.78 -10.92
CA LEU B 364 11.20 -9.22 -11.84
C LEU B 364 11.16 -10.05 -13.11
N VAL B 365 9.95 -10.43 -13.54
CA VAL B 365 9.75 -10.98 -14.89
C VAL B 365 8.93 -9.98 -15.67
N THR B 366 9.32 -9.72 -16.92
CA THR B 366 8.74 -8.60 -17.65
C THR B 366 8.89 -8.83 -19.15
N SER B 367 8.13 -8.03 -19.91
CA SER B 367 8.33 -7.92 -21.36
C SER B 367 9.51 -7.02 -21.72
N ALA B 368 10.05 -6.23 -20.78
CA ALA B 368 11.01 -5.17 -21.10
C ALA B 368 12.42 -5.71 -21.37
N ASN B 369 12.91 -5.47 -22.59
CA ASN B 369 14.28 -5.76 -22.98
C ASN B 369 15.21 -4.64 -22.52
N LEU B 370 16.49 -4.73 -22.88
CA LEU B 370 17.50 -3.77 -22.41
C LEU B 370 17.53 -2.60 -23.37
N SER B 371 16.61 -1.65 -23.15
CA SER B 371 16.50 -0.50 -24.03
C SER B 371 15.86 0.67 -23.30
N LYS B 372 16.28 1.87 -23.70
CA LYS B 372 15.69 3.10 -23.17
C LYS B 372 14.21 3.23 -23.56
N ALA B 373 13.82 2.70 -24.72
CA ALA B 373 12.42 2.80 -25.13
C ALA B 373 11.51 2.07 -24.15
N ALA B 374 11.99 0.98 -23.58
CA ALA B 374 11.18 0.15 -22.68
C ALA B 374 11.21 0.66 -21.24
N TRP B 375 12.38 1.06 -20.76
CA TRP B 375 12.58 1.44 -19.37
C TRP B 375 12.47 2.93 -19.12
N GLY B 376 12.64 3.74 -20.14
CA GLY B 376 12.55 5.18 -19.98
C GLY B 376 13.91 5.82 -19.89
N ALA B 377 14.02 7.04 -20.42
CA ALA B 377 15.24 7.83 -20.36
C ALA B 377 14.91 9.25 -19.95
N LEU B 378 15.72 9.80 -19.06
CA LEU B 378 15.53 11.17 -18.60
C LEU B 378 15.85 12.17 -19.70
N GLU B 379 15.06 13.25 -19.73
CA GLU B 379 15.27 14.37 -20.64
C GLU B 379 15.10 15.66 -19.85
N LYS B 380 15.47 16.77 -20.48
CA LYS B 380 15.33 18.11 -19.93
C LYS B 380 15.95 18.19 -18.53
N ASN B 381 17.23 17.84 -18.47
CA ASN B 381 18.03 17.85 -17.25
C ASN B 381 17.28 17.19 -16.10
N GLY B 382 16.96 15.91 -16.31
CA GLY B 382 16.41 15.06 -15.26
C GLY B 382 14.99 15.35 -14.85
N THR B 383 14.30 16.28 -15.51
CA THR B 383 12.96 16.65 -15.09
C THR B 383 11.87 15.82 -15.77
N GLN B 384 12.20 15.12 -16.86
CA GLN B 384 11.21 14.39 -17.65
C GLN B 384 11.72 13.00 -17.97
N LEU B 385 10.89 11.98 -17.71
CA LEU B 385 11.18 10.61 -18.10
C LEU B 385 10.37 10.27 -19.35
N MET B 386 11.06 9.94 -20.44
CA MET B 386 10.40 9.65 -21.70
C MET B 386 10.42 8.15 -21.95
N ILE B 387 9.25 7.59 -22.22
CA ILE B 387 9.07 6.18 -22.54
C ILE B 387 8.37 6.08 -23.89
N ARG B 388 8.82 5.13 -24.71
CA ARG B 388 8.26 4.99 -26.05
C ARG B 388 7.25 3.86 -26.18
N SER B 389 7.30 2.85 -25.31
N SER B 389 7.30 2.88 -25.30
CA SER B 389 6.61 1.59 -25.57
CA SER B 389 6.59 1.62 -25.52
C SER B 389 5.85 1.10 -24.35
C SER B 389 5.65 1.29 -24.37
N TYR B 390 4.81 0.30 -24.62
CA TYR B 390 4.07 -0.38 -23.56
C TYR B 390 4.84 -1.64 -23.17
N GLU B 391 5.05 -1.81 -21.85
CA GLU B 391 5.70 -2.99 -21.29
C GLU B 391 5.00 -3.34 -19.99
N LEU B 392 5.13 -4.60 -19.57
CA LEU B 392 4.49 -4.99 -18.32
C LEU B 392 5.25 -6.16 -17.69
N GLY B 393 5.41 -6.09 -16.36
CA GLY B 393 6.01 -7.18 -15.61
C GLY B 393 5.51 -7.17 -14.19
N VAL B 394 5.92 -8.20 -13.44
CA VAL B 394 5.55 -8.31 -12.03
C VAL B 394 6.81 -8.51 -11.21
N LEU B 395 6.82 -7.87 -10.04
CA LEU B 395 7.97 -7.83 -9.16
C LEU B 395 7.66 -8.62 -7.90
N PHE B 396 8.54 -9.56 -7.58
CA PHE B 396 8.50 -10.36 -6.36
C PHE B 396 9.45 -9.72 -5.37
N LEU B 397 8.91 -9.22 -4.27
CA LEU B 397 9.68 -8.67 -3.15
C LEU B 397 9.52 -9.52 -1.91
N PRO B 398 10.62 -9.84 -1.20
CA PRO B 398 10.49 -10.68 0.00
C PRO B 398 9.50 -10.12 1.02
N SER B 399 9.45 -8.80 1.19
CA SER B 399 8.53 -8.21 2.16
C SER B 399 7.07 -8.57 1.87
N ALA B 400 6.73 -8.77 0.59
CA ALA B 400 5.35 -9.12 0.25
C ALA B 400 5.00 -10.55 0.61
N PHE B 401 6.01 -11.34 0.99
CA PHE B 401 5.85 -12.72 1.44
C PHE B 401 6.23 -12.90 2.91
N GLY B 402 6.40 -11.81 3.67
CA GLY B 402 6.84 -11.92 5.05
C GLY B 402 8.26 -12.40 5.21
N LEU B 403 9.13 -12.12 4.24
CA LEU B 403 10.51 -12.60 4.24
C LEU B 403 11.48 -11.43 4.10
N ASP B 404 12.74 -11.70 4.52
CA ASP B 404 13.82 -10.73 4.37
C ASP B 404 14.53 -10.87 3.03
N SER B 405 14.62 -12.09 2.50
CA SER B 405 15.16 -12.40 1.18
C SER B 405 14.52 -13.70 0.72
N PHE B 406 14.77 -14.06 -0.54
CA PHE B 406 14.39 -15.35 -1.08
C PHE B 406 15.65 -16.20 -1.19
N LYS B 407 15.56 -17.46 -0.75
N LYS B 407 15.55 -17.47 -0.79
CA LYS B 407 16.57 -18.43 -1.15
CA LYS B 407 16.56 -18.46 -1.13
C LYS B 407 16.39 -18.76 -2.62
C LYS B 407 16.38 -18.86 -2.59
N VAL B 408 17.49 -19.04 -3.30
CA VAL B 408 17.44 -19.44 -4.70
C VAL B 408 17.26 -20.96 -4.79
N LYS B 409 16.23 -21.39 -5.50
CA LYS B 409 15.95 -22.81 -5.67
C LYS B 409 17.07 -23.49 -6.47
N GLN B 410 17.65 -24.53 -5.89
CA GLN B 410 18.87 -25.09 -6.48
C GLN B 410 18.60 -25.70 -7.84
N LYS B 411 17.58 -26.54 -7.94
CA LYS B 411 17.15 -27.10 -9.21
C LYS B 411 15.69 -26.72 -9.41
N PHE B 412 15.40 -26.13 -10.59
CA PHE B 412 14.14 -25.40 -10.81
C PHE B 412 12.91 -26.28 -10.60
N PHE B 413 12.98 -27.55 -11.03
CA PHE B 413 11.85 -28.47 -10.95
C PHE B 413 11.95 -29.41 -9.76
N ALA B 414 12.90 -29.19 -8.85
CA ALA B 414 13.06 -30.05 -7.68
C ALA B 414 12.11 -29.63 -6.56
N GLY B 415 12.37 -30.09 -5.35
CA GLY B 415 11.54 -29.76 -4.21
C GLY B 415 12.17 -28.72 -3.29
N PRO B 419 11.91 -26.39 1.98
CA PRO B 419 10.60 -25.71 1.96
C PRO B 419 10.21 -25.25 0.57
N MET B 420 9.44 -24.16 0.49
CA MET B 420 9.06 -23.59 -0.79
C MET B 420 9.02 -22.07 -0.77
N ALA B 421 9.55 -21.43 0.29
CA ALA B 421 9.91 -20.00 0.27
C ALA B 421 11.27 -19.81 -0.42
N THR B 422 11.55 -20.66 -1.38
CA THR B 422 12.73 -20.52 -2.21
C THR B 422 12.25 -20.17 -3.62
N PHE B 423 12.90 -19.18 -4.21
CA PHE B 423 12.36 -18.69 -5.47
C PHE B 423 12.89 -19.49 -6.64
N PRO B 424 12.03 -19.86 -7.59
CA PRO B 424 12.46 -20.69 -8.73
C PRO B 424 13.11 -19.85 -9.83
N VAL B 425 14.38 -19.56 -9.66
CA VAL B 425 15.16 -18.86 -10.69
C VAL B 425 15.40 -19.81 -11.87
N PRO B 426 15.05 -19.43 -13.10
CA PRO B 426 14.99 -20.41 -14.20
C PRO B 426 16.29 -20.64 -14.97
N TYR B 427 17.37 -19.92 -14.67
CA TYR B 427 18.66 -20.15 -15.33
C TYR B 427 19.74 -20.19 -14.27
N ASP B 428 20.95 -20.52 -14.71
CA ASP B 428 22.02 -20.89 -13.79
C ASP B 428 22.74 -19.67 -13.24
N LEU B 429 23.17 -19.78 -11.97
CA LEU B 429 23.96 -18.80 -11.25
C LEU B 429 25.21 -19.48 -10.71
N PRO B 430 26.37 -18.81 -10.71
CA PRO B 430 26.64 -17.47 -11.23
C PRO B 430 26.55 -17.51 -12.77
N PRO B 431 26.25 -16.37 -13.40
CA PRO B 431 26.29 -16.32 -14.86
C PRO B 431 27.71 -16.47 -15.34
N GLU B 432 27.87 -17.05 -16.53
CA GLU B 432 29.19 -17.36 -17.10
C GLU B 432 29.57 -16.32 -18.15
N LEU B 433 30.70 -15.65 -17.93
CA LEU B 433 31.12 -14.63 -18.87
C LEU B 433 31.38 -15.22 -20.26
N TYR B 434 31.05 -14.44 -21.30
CA TYR B 434 31.50 -14.79 -22.65
C TYR B 434 32.99 -15.13 -22.66
N GLY B 435 33.35 -16.16 -23.45
CA GLY B 435 34.73 -16.41 -23.77
C GLY B 435 35.26 -15.40 -24.77
N SER B 436 36.59 -15.39 -24.90
CA SER B 436 37.27 -14.45 -25.78
C SER B 436 36.82 -14.58 -27.23
N LYS B 437 36.42 -15.78 -27.65
CA LYS B 437 35.97 -16.02 -29.02
C LYS B 437 34.47 -15.84 -29.17
N ASP B 438 33.73 -15.63 -28.07
CA ASP B 438 32.30 -15.50 -28.17
C ASP B 438 31.94 -14.11 -28.68
N ARG B 439 30.77 -14.03 -29.31
CA ARG B 439 30.21 -12.76 -29.76
C ARG B 439 28.72 -12.77 -29.44
N PRO B 440 28.12 -11.61 -29.18
CA PRO B 440 26.67 -11.57 -28.96
C PRO B 440 25.94 -11.95 -30.25
N TRP B 441 24.78 -12.61 -30.09
CA TRP B 441 23.96 -12.85 -31.26
C TRP B 441 23.54 -11.52 -31.89
N ILE B 442 23.83 -11.35 -33.17
CA ILE B 442 23.43 -10.17 -33.93
C ILE B 442 22.62 -10.66 -35.12
N TRP B 443 21.35 -10.22 -35.22
CA TRP B 443 20.42 -10.99 -36.03
C TRP B 443 20.52 -10.71 -37.51
N ASN B 444 21.14 -9.61 -37.93
CA ASN B 444 21.07 -9.22 -39.34
C ASN B 444 22.43 -9.21 -40.02
N ILE B 445 23.31 -10.13 -39.61
CA ILE B 445 24.54 -10.45 -40.34
C ILE B 445 24.52 -11.94 -40.59
N PRO B 446 25.19 -12.42 -41.63
CA PRO B 446 25.15 -13.84 -41.94
C PRO B 446 26.09 -14.65 -41.06
N TYR B 447 25.70 -15.89 -40.81
CA TYR B 447 26.53 -16.89 -40.14
C TYR B 447 26.65 -18.09 -41.07
N VAL B 448 27.80 -18.20 -41.74
CA VAL B 448 27.98 -19.18 -42.81
C VAL B 448 29.19 -20.05 -42.60
N LYS B 449 29.94 -19.88 -41.49
CA LYS B 449 31.15 -20.68 -41.33
C LYS B 449 30.89 -22.01 -40.62
N ALA B 450 29.78 -22.13 -39.90
CA ALA B 450 29.45 -23.33 -39.15
C ALA B 450 27.94 -23.52 -39.22
N PRO B 451 27.45 -24.73 -39.53
CA PRO B 451 26.01 -24.97 -39.58
C PRO B 451 25.45 -25.13 -38.18
N ASP B 452 24.14 -25.00 -38.09
CA ASP B 452 23.49 -25.08 -36.79
C ASP B 452 23.01 -26.51 -36.50
N THR B 453 22.23 -26.64 -35.42
CA THR B 453 21.62 -27.91 -35.04
C THR B 453 21.00 -28.67 -36.20
N HIS B 454 20.40 -27.95 -37.15
CA HIS B 454 19.64 -28.58 -38.22
C HIS B 454 20.39 -28.54 -39.54
N GLY B 455 21.69 -28.27 -39.48
CA GLY B 455 22.49 -28.33 -40.71
C GLY B 455 22.37 -27.13 -41.59
N ASN B 456 21.84 -26.02 -41.07
CA ASN B 456 21.52 -24.82 -41.84
C ASN B 456 22.48 -23.68 -41.50
N MET B 457 22.60 -22.75 -42.44
N MET B 457 22.60 -22.76 -42.45
CA MET B 457 23.26 -21.49 -42.22
CA MET B 457 23.23 -21.47 -42.25
C MET B 457 22.21 -20.40 -42.06
C MET B 457 22.20 -20.39 -42.05
N TRP B 458 22.67 -19.21 -41.66
CA TRP B 458 21.83 -18.05 -41.41
C TRP B 458 22.19 -16.93 -42.35
N VAL B 459 21.28 -16.59 -43.26
CA VAL B 459 21.55 -15.53 -44.22
C VAL B 459 20.34 -14.62 -44.25
N PRO B 460 20.32 -13.59 -43.41
CA PRO B 460 19.17 -12.68 -43.39
C PRO B 460 19.13 -11.78 -44.61
N SER B 461 18.34 -12.15 -45.60
CA SER B 461 18.17 -11.35 -46.82
C SER B 461 16.91 -11.78 -47.56
C26 N7U C . -5.10 16.06 27.44
C05 N7U C . -5.15 14.86 28.11
C06 N7U C . -4.51 14.72 29.33
C07 N7U C . -3.81 15.80 29.86
C08 N7U C . -3.75 17.00 29.17
C25 N7U C . -4.39 17.14 27.95
N09 N7U C . -3.00 18.12 29.74
O01 N7U C . -5.12 12.28 27.15
O03 N7U C . -7.15 12.93 28.35
O04 N7U C . -6.82 13.96 26.14
P02 N7U C . -6.10 13.42 27.38
C10 N7U D . -36.70 5.27 30.08
C13 N7U D . -36.02 8.19 30.02
C15 N7U D . -34.27 9.84 30.04
C17 N7U D . -33.75 7.51 30.41
C20 N7U D . -34.90 2.40 30.96
C21 N7U D . -35.81 1.35 30.81
C22 N7U D . -37.11 1.65 30.39
C26 N7U D . -39.53 7.15 26.53
C05 N7U D . -38.72 6.57 25.57
C06 N7U D . -37.64 5.76 25.93
C07 N7U D . -37.37 5.52 27.26
C08 N7U D . -38.19 6.11 28.23
C11 N7U D . -35.47 5.86 30.38
C12 N7U D . -35.09 7.19 30.29
C14 N7U D . -35.60 9.51 29.91
C16 N7U D . -33.35 8.83 30.30
C19 N7U D . -35.33 3.71 30.66
C23 N7U D . -37.46 2.96 30.12
C25 N7U D . -39.26 6.91 27.86
N09 N7U D . -37.93 5.88 29.64
N18 N7U D . -34.65 4.88 30.72
N24 N7U D . -36.56 3.95 30.27
O01 N7U D . -38.42 5.83 22.90
O03 N7U D . -40.54 6.93 23.55
O04 N7U D . -38.41 8.21 23.47
P02 N7U D . -39.05 6.89 23.77
C1 EDO E . -1.95 12.51 15.23
O1 EDO E . -0.92 11.65 14.73
C2 EDO E . -3.25 12.09 14.54
O2 EDO E . -3.62 10.74 14.89
C1 EDO F . 5.68 -10.65 8.52
O1 EDO F . 5.01 -9.88 9.53
C2 EDO F . 5.30 -12.08 8.78
O2 EDO F . 3.91 -12.23 8.52
C1 EDO G . 3.53 -9.97 24.49
O1 EDO G . 4.21 -10.00 25.74
C2 EDO G . 2.16 -10.63 24.63
O2 EDO G . 2.24 -11.94 25.19
C1 EDO H . 3.55 4.23 10.17
O1 EDO H . 2.57 4.68 11.11
C2 EDO H . 3.96 5.33 9.20
O2 EDO H . 4.96 6.09 9.87
S DMS I . -16.49 33.85 21.03
O DMS I . -15.51 34.54 20.11
C1 DMS I . -18.03 34.80 21.21
C2 DMS I . -15.87 33.78 22.72
C26 N7U J . 11.11 -7.21 -29.29
C05 N7U J . 10.00 -7.94 -29.67
C06 N7U J . 9.55 -7.88 -30.98
C07 N7U J . 10.23 -7.10 -31.89
C08 N7U J . 11.34 -6.35 -31.51
C25 N7U J . 11.79 -6.41 -30.20
N09 N7U J . 12.04 -5.53 -32.47
O01 N7U J . 8.83 -10.38 -28.87
O03 N7U J . 7.81 -8.34 -28.03
O04 N7U J . 10.15 -9.07 -27.23
P02 N7U J . 9.15 -8.98 -28.38
C10 N7U K . 6.68 -28.93 -36.15
C13 N7U K . 3.58 -29.53 -38.13
C15 N7U K . 2.89 -31.82 -38.20
C17 N7U K . 4.93 -31.22 -37.10
C20 N7U K . 6.97 -25.62 -37.27
C21 N7U K . 8.08 -25.11 -36.60
C22 N7U K . 8.75 -25.94 -35.71
C26 N7U K . 5.04 -29.77 -32.25
C05 N7U K . 5.63 -30.73 -31.44
C06 N7U K . 6.71 -31.47 -31.90
C07 N7U K . 7.20 -31.24 -33.17
C08 N7U K . 6.62 -30.26 -33.98
C11 N7U K . 5.60 -28.89 -37.04
C12 N7U K . 4.71 -29.88 -37.40
C14 N7U K . 2.66 -30.49 -38.53
C16 N7U K . 4.02 -32.19 -37.49
C19 N7U K . 6.60 -26.96 -37.02
C23 N7U K . 8.32 -27.25 -35.51
C25 N7U K . 5.53 -29.53 -33.52
N09 N7U K . 7.14 -30.04 -35.33
N18 N7U K . 5.59 -27.67 -37.56
N24 N7U K . 7.26 -27.72 -36.18
O01 N7U K . 4.01 -32.21 -29.79
O03 N7U K . 4.27 -29.81 -29.22
O04 N7U K . 6.12 -31.43 -28.80
P02 N7U K . 4.98 -31.05 -29.72
C1 EDO L . 9.21 -2.17 -17.47
O1 EDO L . 8.13 -1.37 -16.97
C2 EDO L . 9.47 -3.26 -16.43
O2 EDO L . 8.32 -4.09 -16.37
C1 EDO M . -14.64 -1.19 -5.95
O1 EDO M . -14.25 -2.48 -5.46
C2 EDO M . -13.38 -0.39 -6.21
O2 EDO M . -12.62 -1.10 -7.19
C1 EDO N . 1.21 2.90 -12.01
O1 EDO N . 2.09 3.17 -10.92
C2 EDO N . 0.70 1.49 -11.76
O2 EDO N . 1.80 0.57 -11.90
#